data_4B0C
#
_entry.id   4B0C
#
_cell.length_a   114.930
_cell.length_b   141.700
_cell.length_c   78.910
_cell.angle_alpha   90.00
_cell.angle_beta   115.67
_cell.angle_gamma   90.00
#
_symmetry.space_group_name_H-M   'C 1 2 1'
#
loop_
_entity.id
_entity.type
_entity.pdbx_description
1 polymer '3-HYDROXYDECANOYL-[ACYL-CARRIER-PROTEIN] DEHYDRATASE'
2 non-polymer 5-(pentylsulfanyl)-1H-1,2,4-triazole
3 water water
#
_entity_poly.entity_id   1
_entity_poly.type   'polypeptide(L)'
_entity_poly.pdbx_seq_one_letter_code
;MTKQHAFTREDLLRCSRGELFGPGNAQLPAPNMLMIDRIVHISDVGGKYGKGELVAELDINPDLWFFACHFEGDPVMPGC
LGLDAMWQLVGFYLGWQGNPGRGRALGSGEVKFFGQVLPTAKKVTYNIHIKRTINRSLVLAIADGTVSVDGREIYSAEGL
RVGLFTSTDSF
;
_entity_poly.pdbx_strand_id   A,B,C,D,E
#
# COMPACT_ATOMS: atom_id res chain seq x y z
N THR A 2 15.42 -12.14 -35.97
CA THR A 2 16.50 -11.48 -35.16
C THR A 2 16.57 -11.98 -33.70
N LYS A 3 15.67 -12.90 -33.34
CA LYS A 3 15.34 -13.17 -31.94
C LYS A 3 15.49 -14.61 -31.39
N GLN A 4 16.22 -14.72 -30.28
CA GLN A 4 16.43 -15.98 -29.60
C GLN A 4 15.23 -16.18 -28.69
N HIS A 5 14.70 -17.40 -28.63
CA HIS A 5 13.46 -17.68 -27.89
C HIS A 5 13.61 -18.53 -26.67
N ALA A 6 14.84 -18.88 -26.32
CA ALA A 6 15.13 -19.61 -25.10
C ALA A 6 16.56 -19.33 -24.68
N PHE A 7 16.79 -19.37 -23.36
CA PHE A 7 18.07 -18.97 -22.77
C PHE A 7 18.53 -19.93 -21.66
N THR A 8 19.81 -20.20 -21.59
CA THR A 8 20.35 -21.09 -20.57
C THR A 8 20.85 -20.25 -19.40
N ARG A 9 21.21 -20.91 -18.29
CA ARG A 9 21.69 -20.19 -17.13
C ARG A 9 22.87 -19.29 -17.48
N GLU A 10 23.72 -19.75 -18.39
CA GLU A 10 24.91 -19.00 -18.80
C GLU A 10 24.56 -17.81 -19.69
N ASP A 11 23.48 -17.91 -20.47
CA ASP A 11 23.00 -16.77 -21.22
C ASP A 11 22.54 -15.73 -20.19
N LEU A 12 21.87 -16.18 -19.14
CA LEU A 12 21.38 -15.26 -18.11
C LEU A 12 22.53 -14.62 -17.31
N LEU A 13 23.55 -15.40 -16.96
CA LEU A 13 24.71 -14.85 -16.27
C LEU A 13 25.41 -13.82 -17.16
N ARG A 14 25.38 -14.06 -18.47
CA ARG A 14 25.97 -13.14 -19.42
C ARG A 14 25.18 -11.83 -19.36
N CYS A 15 23.87 -11.97 -19.35
CA CYS A 15 23.00 -10.83 -19.19
C CYS A 15 23.29 -10.09 -17.90
N SER A 16 23.60 -10.84 -16.85
CA SER A 16 23.85 -10.24 -15.53
C SER A 16 25.12 -9.37 -15.55
N ARG A 17 26.05 -9.73 -16.42
CA ARG A 17 27.27 -8.96 -16.61
C ARG A 17 27.04 -7.74 -17.51
N GLY A 18 25.86 -7.68 -18.16
CA GLY A 18 25.55 -6.61 -19.09
C GLY A 18 26.07 -6.88 -20.49
N GLU A 19 26.29 -8.15 -20.82
CA GLU A 19 26.91 -8.54 -22.07
C GLU A 19 25.92 -9.16 -23.07
N LEU A 20 24.67 -9.34 -22.65
CA LEU A 20 23.64 -9.84 -23.56
C LEU A 20 22.98 -8.67 -24.30
N PHE A 21 22.52 -7.67 -23.56
CA PHE A 21 21.81 -6.55 -24.18
C PHE A 21 22.63 -5.29 -24.30
N GLY A 22 23.89 -5.33 -23.85
CA GLY A 22 24.81 -4.21 -24.01
C GLY A 22 24.82 -3.26 -22.82
N PRO A 23 25.79 -2.33 -22.81
CA PRO A 23 25.96 -1.44 -21.66
C PRO A 23 24.92 -0.31 -21.61
N GLY A 24 24.34 -0.10 -20.43
CA GLY A 24 23.27 0.87 -20.26
C GLY A 24 21.88 0.33 -20.58
N ASN A 25 21.81 -0.95 -20.93
CA ASN A 25 20.55 -1.61 -21.21
C ASN A 25 20.21 -2.60 -20.09
N ALA A 26 19.09 -3.32 -20.23
CA ALA A 26 18.59 -4.18 -19.16
C ALA A 26 19.62 -5.22 -18.69
N GLN A 27 19.73 -5.42 -17.38
CA GLN A 27 20.51 -6.53 -16.82
C GLN A 27 19.67 -7.27 -15.81
N LEU A 28 19.73 -8.59 -15.84
CA LEU A 28 19.30 -9.40 -14.70
C LEU A 28 20.30 -9.22 -13.57
N PRO A 29 19.87 -9.41 -12.32
CA PRO A 29 20.84 -9.38 -11.25
C PRO A 29 21.60 -10.69 -11.26
N ALA A 30 22.78 -10.69 -10.63
CA ALA A 30 23.55 -11.92 -10.46
C ALA A 30 23.14 -12.64 -9.17
N PRO A 31 23.65 -13.86 -8.98
CA PRO A 31 23.50 -14.47 -7.66
C PRO A 31 24.01 -13.54 -6.55
N ASN A 32 23.37 -13.49 -5.38
CA ASN A 32 22.28 -14.37 -5.01
C ASN A 32 20.88 -13.81 -5.27
N MET A 33 20.79 -12.69 -5.99
CA MET A 33 19.48 -12.09 -6.25
C MET A 33 18.78 -12.69 -7.47
N LEU A 34 19.54 -13.28 -8.41
CA LEU A 34 18.98 -13.89 -9.62
C LEU A 34 18.04 -15.04 -9.27
N MET A 35 16.75 -14.94 -9.64
CA MET A 35 15.82 -15.99 -9.27
C MET A 35 15.40 -16.88 -10.44
N ILE A 36 16.20 -16.88 -11.51
CA ILE A 36 15.91 -17.67 -12.70
C ILE A 36 17.13 -18.49 -13.11
N ASP A 37 16.92 -19.79 -13.36
CA ASP A 37 17.97 -20.68 -13.86
C ASP A 37 17.95 -20.73 -15.40
N ARG A 38 16.76 -20.69 -16.01
CA ARG A 38 16.68 -20.68 -17.47
C ARG A 38 15.37 -20.10 -17.95
N ILE A 39 15.35 -19.50 -19.14
CA ILE A 39 14.10 -19.02 -19.75
C ILE A 39 13.71 -20.02 -20.82
N VAL A 40 12.67 -20.80 -20.57
CA VAL A 40 12.32 -21.90 -21.44
C VAL A 40 11.68 -21.39 -22.74
N HIS A 41 11.01 -20.26 -22.66
CA HIS A 41 10.28 -19.71 -23.80
C HIS A 41 10.05 -18.23 -23.62
N ILE A 42 10.22 -17.47 -24.69
CA ILE A 42 9.90 -16.05 -24.69
C ILE A 42 9.53 -15.65 -26.11
N SER A 43 8.37 -15.01 -26.29
CA SER A 43 8.00 -14.43 -27.59
C SER A 43 7.21 -13.18 -27.36
N ASP A 44 7.03 -12.39 -28.41
CA ASP A 44 6.26 -11.14 -28.33
C ASP A 44 4.86 -11.28 -28.95
N VAL A 45 4.49 -12.51 -29.30
CA VAL A 45 3.13 -12.82 -29.75
C VAL A 45 2.57 -13.93 -28.87
N GLY A 46 1.26 -14.15 -28.95
CA GLY A 46 0.62 -15.13 -28.07
C GLY A 46 0.60 -14.66 -26.63
N GLY A 47 0.53 -15.60 -25.69
CA GLY A 47 0.23 -15.27 -24.29
C GLY A 47 -1.26 -15.06 -24.08
N LYS A 48 -1.65 -14.88 -22.80
CA LYS A 48 -3.04 -14.59 -22.42
C LYS A 48 -3.63 -13.47 -23.23
N TYR A 49 -2.84 -12.44 -23.50
CA TYR A 49 -3.38 -11.19 -24.06
C TYR A 49 -2.96 -10.93 -25.48
N GLY A 50 -2.19 -11.86 -26.05
CA GLY A 50 -1.72 -11.71 -27.42
C GLY A 50 -0.53 -10.81 -27.61
N LYS A 51 0.07 -10.35 -26.52
CA LYS A 51 1.19 -9.41 -26.59
C LYS A 51 2.48 -10.01 -26.07
N GLY A 52 2.56 -11.33 -26.03
CA GLY A 52 3.79 -12.00 -25.62
C GLY A 52 3.69 -12.76 -24.29
N GLU A 53 4.72 -13.54 -24.01
CA GLU A 53 4.73 -14.50 -22.92
C GLU A 53 6.20 -14.82 -22.53
N LEU A 54 6.47 -15.08 -21.25
CA LEU A 54 7.70 -15.79 -20.85
C LEU A 54 7.35 -16.98 -19.98
N VAL A 55 8.10 -18.07 -20.16
CA VAL A 55 8.08 -19.20 -19.23
C VAL A 55 9.51 -19.37 -18.79
N ALA A 56 9.74 -19.45 -17.47
CA ALA A 56 11.11 -19.54 -16.91
C ALA A 56 11.12 -20.54 -15.75
N GLU A 57 12.30 -21.08 -15.43
CA GLU A 57 12.39 -22.08 -14.35
C GLU A 57 13.51 -21.73 -13.38
N LEU A 58 13.34 -22.18 -12.13
CA LEU A 58 14.37 -22.15 -11.12
C LEU A 58 14.41 -23.54 -10.47
N ASP A 59 15.57 -24.21 -10.50
CA ASP A 59 15.75 -25.49 -9.81
C ASP A 59 15.90 -25.25 -8.30
N ILE A 60 15.25 -26.11 -7.51
CA ILE A 60 15.30 -26.04 -6.05
C ILE A 60 16.09 -27.22 -5.47
N ASN A 61 16.80 -26.95 -4.39
CA ASN A 61 17.38 -27.98 -3.58
C ASN A 61 17.56 -27.40 -2.16
N PRO A 62 17.71 -28.27 -1.15
CA PRO A 62 17.70 -27.77 0.23
C PRO A 62 18.80 -26.77 0.57
N ASP A 63 19.87 -26.76 -0.22
CA ASP A 63 21.06 -25.98 0.08
C ASP A 63 21.01 -24.56 -0.49
N LEU A 64 19.91 -24.21 -1.12
CA LEU A 64 19.71 -22.83 -1.55
C LEU A 64 19.80 -21.92 -0.34
N TRP A 65 20.53 -20.82 -0.50
CA TRP A 65 20.93 -19.98 0.62
C TRP A 65 19.78 -19.51 1.47
N PHE A 66 18.67 -19.13 0.82
CA PHE A 66 17.56 -18.50 1.55
C PHE A 66 16.88 -19.45 2.53
N PHE A 67 16.99 -20.76 2.31
CA PHE A 67 16.29 -21.75 3.16
C PHE A 67 16.88 -21.77 4.57
N ALA A 68 18.19 -21.54 4.69
CA ALA A 68 18.85 -21.59 6.00
C ALA A 68 18.47 -20.43 6.91
N CYS A 69 18.23 -19.25 6.34
CA CYS A 69 17.96 -18.05 7.14
C CYS A 69 16.47 -17.69 7.23
N HIS A 70 15.63 -18.48 6.56
CA HIS A 70 14.22 -18.15 6.36
C HIS A 70 13.45 -19.44 6.25
N PHE A 71 13.07 -20.06 7.37
CA PHE A 71 13.43 -19.66 8.71
C PHE A 71 14.21 -20.79 9.38
N GLU A 72 14.90 -20.46 10.47
CA GLU A 72 15.57 -21.46 11.27
C GLU A 72 14.49 -22.39 11.83
N GLY A 73 14.57 -23.67 11.46
CA GLY A 73 13.62 -24.70 11.93
C GLY A 73 12.39 -24.83 11.08
N ASP A 74 12.31 -24.06 10.00
CA ASP A 74 11.11 -23.97 9.17
C ASP A 74 11.47 -23.30 7.84
N PRO A 75 12.29 -23.98 7.03
CA PRO A 75 12.72 -23.39 5.78
C PRO A 75 11.56 -23.24 4.80
N VAL A 76 11.58 -22.15 4.05
CA VAL A 76 10.58 -21.91 3.02
C VAL A 76 11.07 -20.73 2.18
N MET A 77 10.98 -20.86 0.86
CA MET A 77 11.41 -19.78 -0.02
C MET A 77 10.60 -18.51 0.23
N PRO A 78 11.27 -17.36 0.31
CA PRO A 78 10.53 -16.12 0.54
C PRO A 78 9.67 -15.70 -0.64
N GLY A 79 8.45 -15.26 -0.36
CA GLY A 79 7.52 -14.87 -1.44
C GLY A 79 8.06 -13.72 -2.26
N CYS A 80 8.70 -12.76 -1.57
CA CYS A 80 9.26 -11.61 -2.25
C CYS A 80 10.25 -12.04 -3.33
N LEU A 81 11.01 -13.11 -3.09
CA LEU A 81 11.92 -13.61 -4.13
C LEU A 81 11.18 -14.13 -5.38
N GLY A 82 10.10 -14.85 -5.20
CA GLY A 82 9.33 -15.31 -6.34
C GLY A 82 8.67 -14.13 -7.04
N LEU A 83 8.26 -13.14 -6.24
CA LEU A 83 7.71 -11.93 -6.80
C LEU A 83 8.77 -11.28 -7.63
N ASP A 84 9.99 -11.21 -7.12
CA ASP A 84 11.03 -10.45 -7.79
C ASP A 84 11.41 -11.10 -9.09
N ALA A 85 11.34 -12.44 -9.13
CA ALA A 85 11.59 -13.18 -10.36
C ALA A 85 10.65 -12.70 -11.46
N MET A 86 9.42 -12.38 -11.11
CA MET A 86 8.47 -11.95 -12.13
C MET A 86 8.87 -10.57 -12.65
N TRP A 87 9.30 -9.68 -11.76
CA TRP A 87 9.81 -8.42 -12.25
C TRP A 87 11.07 -8.61 -13.06
N GLN A 88 11.95 -9.50 -12.60
CA GLN A 88 13.19 -9.77 -13.33
C GLN A 88 12.78 -10.14 -14.76
N LEU A 89 11.78 -11.00 -14.91
CA LEU A 89 11.46 -11.50 -16.22
C LEU A 89 10.88 -10.42 -17.10
N VAL A 90 10.08 -9.52 -16.53
CA VAL A 90 9.41 -8.48 -17.33
C VAL A 90 10.47 -7.51 -17.80
N GLY A 91 11.40 -7.19 -16.92
CA GLY A 91 12.56 -6.38 -17.31
C GLY A 91 13.32 -6.98 -18.48
N PHE A 92 13.61 -8.28 -18.36
CA PHE A 92 14.34 -9.02 -19.39
C PHE A 92 13.62 -8.88 -20.70
N TYR A 93 12.29 -9.01 -20.65
CA TYR A 93 11.47 -8.89 -21.86
C TYR A 93 11.67 -7.54 -22.54
N LEU A 94 11.64 -6.46 -21.77
CA LEU A 94 11.81 -5.12 -22.35
C LEU A 94 13.14 -4.97 -23.09
N GLY A 95 14.22 -5.45 -22.48
CA GLY A 95 15.55 -5.36 -23.07
C GLY A 95 15.66 -6.25 -24.30
N TRP A 96 15.02 -7.40 -24.20
CA TRP A 96 14.97 -8.35 -25.28
C TRP A 96 14.25 -7.80 -26.48
N GLN A 97 13.29 -6.90 -26.26
CA GLN A 97 12.62 -6.24 -27.37
C GLN A 97 13.50 -5.22 -28.07
N GLY A 98 14.65 -4.91 -27.49
CA GLY A 98 15.62 -4.01 -28.12
C GLY A 98 15.56 -2.58 -27.61
N ASN A 99 14.75 -2.34 -26.59
CA ASN A 99 14.64 -1.02 -26.01
C ASN A 99 15.87 -0.71 -25.20
N PRO A 100 16.25 0.57 -25.15
CA PRO A 100 17.41 0.96 -24.36
C PRO A 100 17.04 1.36 -22.95
N GLY A 101 17.99 1.22 -22.02
CA GLY A 101 17.81 1.73 -20.68
C GLY A 101 17.91 0.66 -19.61
N ARG A 102 18.14 1.12 -18.38
CA ARG A 102 18.21 0.26 -17.22
C ARG A 102 16.82 0.00 -16.68
N GLY A 103 16.61 -1.22 -16.16
CA GLY A 103 15.29 -1.68 -15.67
C GLY A 103 15.07 -1.35 -14.21
N ARG A 104 13.85 -0.95 -13.88
CA ARG A 104 13.43 -0.70 -12.52
C ARG A 104 12.00 -1.18 -12.42
N ALA A 105 11.70 -1.96 -11.39
CA ALA A 105 10.33 -2.34 -11.09
C ALA A 105 9.56 -1.10 -10.68
N LEU A 106 8.36 -0.91 -11.18
CA LEU A 106 7.52 0.23 -10.81
C LEU A 106 6.38 -0.11 -9.86
N GLY A 107 6.02 -1.40 -9.80
CA GLY A 107 5.18 -1.93 -8.74
C GLY A 107 4.25 -3.02 -9.26
N SER A 108 3.07 -3.15 -8.64
CA SER A 108 2.00 -3.96 -9.22
C SER A 108 0.66 -3.69 -8.61
N GLY A 109 -0.40 -4.26 -9.20
CA GLY A 109 -1.71 -4.38 -8.55
C GLY A 109 -1.69 -5.60 -7.63
N GLU A 110 -2.85 -6.18 -7.39
CA GLU A 110 -3.01 -7.29 -6.47
C GLU A 110 -1.90 -8.31 -6.55
N VAL A 111 -1.35 -8.68 -5.39
CA VAL A 111 -0.45 -9.83 -5.32
C VAL A 111 -0.95 -10.80 -4.31
N LYS A 112 -0.89 -12.09 -4.65
CA LYS A 112 -1.37 -13.14 -3.74
C LYS A 112 -0.34 -14.27 -3.55
N PHE A 113 -0.16 -14.65 -2.30
CA PHE A 113 0.58 -15.84 -1.96
C PHE A 113 -0.39 -16.81 -1.32
N PHE A 114 -0.47 -18.01 -1.86
CA PHE A 114 -1.37 -19.02 -1.34
C PHE A 114 -0.76 -20.42 -1.45
N GLY A 115 0.56 -20.46 -1.37
CA GLY A 115 1.27 -21.70 -1.22
C GLY A 115 2.70 -21.37 -0.95
N GLN A 116 3.53 -22.41 -0.87
CA GLN A 116 4.91 -22.21 -0.53
C GLN A 116 5.84 -23.19 -1.24
N VAL A 117 7.10 -22.82 -1.28
CA VAL A 117 8.14 -23.65 -1.84
C VAL A 117 8.99 -24.19 -0.70
N LEU A 118 8.84 -25.49 -0.43
CA LEU A 118 9.67 -26.15 0.58
C LEU A 118 11.00 -26.63 -0.04
N PRO A 119 12.00 -26.91 0.79
CA PRO A 119 13.26 -27.42 0.22
C PRO A 119 13.17 -28.83 -0.41
N THR A 120 12.05 -29.50 -0.19
CA THR A 120 11.80 -30.82 -0.77
C THR A 120 11.22 -30.70 -2.19
N ALA A 121 10.93 -29.49 -2.63
CA ALA A 121 10.50 -29.25 -4.02
C ALA A 121 11.65 -29.49 -5.01
N LYS A 122 11.30 -29.64 -6.28
CA LYS A 122 12.27 -29.89 -7.34
C LYS A 122 12.45 -28.66 -8.23
N LYS A 123 11.34 -28.02 -8.62
CA LYS A 123 11.42 -26.94 -9.60
C LYS A 123 10.32 -25.90 -9.48
N VAL A 124 10.73 -24.63 -9.47
CA VAL A 124 9.80 -23.51 -9.56
C VAL A 124 9.70 -23.05 -11.00
N THR A 125 8.47 -22.82 -11.48
CA THR A 125 8.23 -22.33 -12.83
C THR A 125 7.46 -21.02 -12.82
N TYR A 126 7.93 -20.03 -13.58
CA TYR A 126 7.23 -18.76 -13.71
C TYR A 126 6.53 -18.65 -15.06
N ASN A 127 5.31 -18.13 -15.06
CA ASN A 127 4.60 -17.82 -16.32
C ASN A 127 4.21 -16.36 -16.26
N ILE A 128 4.61 -15.59 -17.27
CA ILE A 128 4.33 -14.17 -17.36
C ILE A 128 3.58 -13.87 -18.65
N HIS A 129 2.53 -13.07 -18.56
CA HIS A 129 1.73 -12.66 -19.72
C HIS A 129 1.72 -11.19 -19.86
N ILE A 130 2.31 -10.71 -20.95
CA ILE A 130 2.48 -9.31 -21.14
C ILE A 130 1.12 -8.81 -21.55
N LYS A 131 0.68 -7.75 -20.90
CA LYS A 131 -0.65 -7.19 -21.11
C LYS A 131 -0.59 -6.03 -22.09
N ARG A 132 0.44 -5.22 -21.94
CA ARG A 132 0.57 -3.96 -22.66
C ARG A 132 2.04 -3.54 -22.60
N THR A 133 2.54 -2.94 -23.67
CA THR A 133 3.78 -2.15 -23.61
C THR A 133 3.47 -0.73 -24.02
N ILE A 134 4.08 0.22 -23.33
CA ILE A 134 3.88 1.63 -23.62
C ILE A 134 5.21 2.18 -24.08
N ASN A 135 5.22 2.84 -25.22
CA ASN A 135 6.44 3.32 -25.84
C ASN A 135 6.33 4.81 -26.03
N ARG A 136 6.00 5.51 -24.94
CA ARG A 136 5.90 6.97 -24.95
C ARG A 136 7.23 7.57 -24.45
N SER A 137 7.18 8.70 -23.74
CA SER A 137 8.39 9.35 -23.25
C SER A 137 9.14 8.45 -22.26
N LEU A 138 8.40 7.67 -21.47
CA LEU A 138 9.01 6.53 -20.78
C LEU A 138 8.49 5.23 -21.39
N VAL A 139 9.36 4.24 -21.52
CA VAL A 139 9.01 2.92 -22.01
C VAL A 139 8.77 1.94 -20.84
N LEU A 140 7.63 1.24 -20.89
CA LEU A 140 7.26 0.32 -19.80
C LEU A 140 6.35 -0.82 -20.27
N ALA A 141 6.31 -1.86 -19.47
CA ALA A 141 5.53 -3.06 -19.71
C ALA A 141 4.68 -3.34 -18.51
N ILE A 142 3.49 -3.85 -18.77
CA ILE A 142 2.54 -4.27 -17.74
C ILE A 142 2.22 -5.73 -18.04
N ALA A 143 2.18 -6.55 -17.00
CA ALA A 143 2.04 -7.99 -17.17
C ALA A 143 1.38 -8.59 -15.97
N ASP A 144 0.76 -9.73 -16.17
CA ASP A 144 0.34 -10.59 -15.06
C ASP A 144 1.31 -11.77 -15.01
N GLY A 145 1.53 -12.30 -13.82
CA GLY A 145 2.38 -13.45 -13.67
C GLY A 145 1.89 -14.41 -12.60
N THR A 146 2.27 -15.67 -12.73
CA THR A 146 2.07 -16.67 -11.68
C THR A 146 3.36 -17.43 -11.47
N VAL A 147 3.51 -17.94 -10.26
CA VAL A 147 4.63 -18.77 -9.87
C VAL A 147 4.09 -20.10 -9.44
N SER A 148 4.64 -21.19 -9.97
CA SER A 148 4.21 -22.55 -9.63
C SER A 148 5.38 -23.41 -9.16
N VAL A 149 5.11 -24.37 -8.29
CA VAL A 149 6.16 -25.28 -7.82
C VAL A 149 5.69 -26.70 -8.10
N ASP A 150 6.47 -27.43 -8.88
CA ASP A 150 6.15 -28.82 -9.26
C ASP A 150 4.70 -29.00 -9.73
N GLY A 151 4.28 -28.13 -10.65
CA GLY A 151 2.96 -28.23 -11.26
C GLY A 151 1.88 -27.43 -10.57
N ARG A 152 2.11 -27.07 -9.31
CA ARG A 152 1.10 -26.44 -8.47
C ARG A 152 1.28 -24.93 -8.36
N GLU A 153 0.19 -24.21 -8.62
CA GLU A 153 0.18 -22.75 -8.69
C GLU A 153 0.17 -22.17 -7.27
N ILE A 154 1.13 -21.30 -6.94
CA ILE A 154 1.24 -20.81 -5.56
C ILE A 154 1.20 -19.29 -5.34
N TYR A 155 1.81 -18.52 -6.25
CA TYR A 155 1.65 -17.07 -6.22
C TYR A 155 1.00 -16.53 -7.50
N SER A 156 0.43 -15.32 -7.40
CA SER A 156 -0.08 -14.60 -8.58
C SER A 156 0.12 -13.12 -8.38
N ALA A 157 0.32 -12.41 -9.46
CA ALA A 157 0.54 -10.96 -9.39
C ALA A 157 -0.11 -10.35 -10.60
N GLU A 158 -1.00 -9.39 -10.39
CA GLU A 158 -1.70 -8.70 -11.48
C GLU A 158 -1.09 -7.32 -11.61
N GLY A 159 -0.92 -6.86 -12.84
CA GLY A 159 -0.43 -5.51 -13.12
C GLY A 159 1.00 -5.27 -12.67
N LEU A 160 1.88 -6.25 -12.86
CA LEU A 160 3.29 -6.01 -12.64
C LEU A 160 3.71 -4.94 -13.60
N ARG A 161 4.46 -3.97 -13.11
CA ARG A 161 5.01 -2.90 -13.95
C ARG A 161 6.51 -2.81 -13.80
N VAL A 162 7.19 -2.78 -14.95
CA VAL A 162 8.61 -2.55 -15.03
C VAL A 162 8.83 -1.52 -16.11
N GLY A 163 9.77 -0.62 -15.88
CA GLY A 163 10.05 0.46 -16.81
C GLY A 163 11.54 0.56 -17.06
N LEU A 164 11.88 1.19 -18.19
CA LEU A 164 13.26 1.35 -18.59
C LEU A 164 13.63 2.81 -18.53
N PHE A 165 14.86 3.04 -18.07
CA PHE A 165 15.36 4.37 -17.79
C PHE A 165 16.69 4.63 -18.50
N THR A 166 16.67 5.54 -19.46
CA THR A 166 17.90 5.88 -20.17
C THR A 166 18.95 6.44 -19.22
N SER A 167 18.51 7.37 -18.37
CA SER A 167 19.31 8.09 -17.38
C SER A 167 18.71 7.86 -15.96
N THR A 168 19.37 6.98 -15.19
CA THR A 168 18.99 6.75 -13.78
C THR A 168 19.25 8.02 -12.95
N PHE A 171 13.40 8.60 -9.92
CA PHE A 171 14.58 7.81 -9.60
C PHE A 171 15.85 8.62 -9.83
N THR B 2 2.78 -7.28 24.18
CA THR B 2 2.18 -5.92 23.97
C THR B 2 2.94 -4.88 24.80
N LYS B 3 4.00 -5.31 25.49
CA LYS B 3 4.58 -4.48 26.55
C LYS B 3 5.78 -3.63 26.13
N GLN B 4 6.71 -4.23 25.37
CA GLN B 4 7.92 -3.54 24.96
C GLN B 4 7.59 -2.79 23.67
N HIS B 5 8.01 -1.53 23.57
CA HIS B 5 7.61 -0.66 22.45
C HIS B 5 8.72 -0.33 21.51
N ALA B 6 9.91 -0.87 21.74
CA ALA B 6 11.03 -0.69 20.83
C ALA B 6 11.97 -1.86 20.96
N PHE B 7 12.66 -2.18 19.88
CA PHE B 7 13.53 -3.36 19.80
C PHE B 7 14.86 -3.07 19.12
N THR B 8 15.91 -3.71 19.59
CA THR B 8 17.22 -3.49 19.01
C THR B 8 17.52 -4.60 18.04
N ARG B 9 18.61 -4.45 17.29
CA ARG B 9 18.97 -5.47 16.30
C ARG B 9 19.09 -6.84 16.96
N GLU B 10 19.57 -6.86 18.18
CA GLU B 10 19.78 -8.10 18.91
C GLU B 10 18.47 -8.70 19.43
N ASP B 11 17.49 -7.86 19.72
CA ASP B 11 16.15 -8.35 20.03
C ASP B 11 15.63 -9.05 18.78
N LEU B 12 15.86 -8.45 17.62
CA LEU B 12 15.37 -9.01 16.36
C LEU B 12 16.08 -10.31 15.99
N LEU B 13 17.40 -10.38 16.21
CA LEU B 13 18.13 -11.62 15.98
C LEU B 13 17.67 -12.72 16.93
N ARG B 14 17.29 -12.33 18.13
CA ARG B 14 16.73 -13.27 19.09
C ARG B 14 15.40 -13.80 18.53
N CYS B 15 14.58 -12.88 18.04
CA CYS B 15 13.34 -13.25 17.37
C CYS B 15 13.61 -14.20 16.22
N SER B 16 14.70 -13.97 15.50
CA SER B 16 15.01 -14.79 14.32
C SER B 16 15.34 -16.21 14.71
N ARG B 17 15.84 -16.38 15.93
CA ARG B 17 16.12 -17.70 16.46
C ARG B 17 14.86 -18.36 17.02
N GLY B 18 13.78 -17.60 17.15
CA GLY B 18 12.52 -18.10 17.71
C GLY B 18 12.49 -18.01 19.22
N GLU B 19 13.30 -17.11 19.78
CA GLU B 19 13.45 -17.01 21.22
C GLU B 19 12.76 -15.76 21.81
N LEU B 20 12.18 -14.92 20.96
CA LEU B 20 11.43 -13.76 21.44
C LEU B 20 9.98 -14.14 21.67
N PHE B 21 9.33 -14.73 20.67
CA PHE B 21 7.92 -15.08 20.79
C PHE B 21 7.66 -16.55 21.07
N GLY B 22 8.72 -17.35 21.16
CA GLY B 22 8.59 -18.76 21.50
C GLY B 22 8.48 -19.69 20.29
N PRO B 23 8.57 -21.00 20.50
CA PRO B 23 8.59 -21.97 19.39
C PRO B 23 7.21 -22.19 18.79
N GLY B 24 7.14 -22.15 17.46
CA GLY B 24 5.87 -22.28 16.75
C GLY B 24 5.15 -20.96 16.55
N ASN B 25 5.76 -19.87 17.03
CA ASN B 25 5.19 -18.54 16.89
C ASN B 25 6.00 -17.73 15.91
N ALA B 26 5.66 -16.46 15.72
CA ALA B 26 6.26 -15.62 14.69
C ALA B 26 7.77 -15.56 14.79
N GLN B 27 8.48 -15.66 13.67
CA GLN B 27 9.91 -15.38 13.62
C GLN B 27 10.18 -14.42 12.48
N LEU B 28 11.03 -13.44 12.73
CA LEU B 28 11.69 -12.74 11.63
C LEU B 28 12.69 -13.69 11.00
N PRO B 29 12.98 -13.49 9.71
CA PRO B 29 14.08 -14.25 9.14
C PRO B 29 15.41 -13.74 9.67
N ALA B 30 16.46 -14.54 9.53
CA ALA B 30 17.84 -14.11 9.86
C ALA B 30 18.52 -13.48 8.66
N PRO B 31 19.69 -12.86 8.87
CA PRO B 31 20.50 -12.47 7.73
C PRO B 31 20.74 -13.69 6.81
N ASN B 32 20.73 -13.51 5.50
CA ASN B 32 20.66 -12.21 4.85
C ASN B 32 19.27 -11.76 4.45
N MET B 33 18.23 -12.45 4.91
CA MET B 33 16.85 -12.06 4.53
C MET B 33 16.23 -10.98 5.44
N LEU B 34 16.72 -10.88 6.67
CA LEU B 34 16.27 -9.85 7.62
C LEU B 34 16.49 -8.43 7.08
N MET B 35 15.42 -7.65 6.86
CA MET B 35 15.58 -6.30 6.31
C MET B 35 15.35 -5.17 7.33
N ILE B 36 15.47 -5.50 8.61
CA ILE B 36 15.30 -4.53 9.67
C ILE B 36 16.48 -4.57 10.62
N ASP B 37 17.03 -3.40 10.95
CA ASP B 37 18.07 -3.27 11.97
C ASP B 37 17.47 -2.99 13.35
N ARG B 38 16.40 -2.21 13.43
CA ARG B 38 15.74 -1.96 14.71
C ARG B 38 14.31 -1.53 14.52
N ILE B 39 13.45 -1.80 15.51
CA ILE B 39 12.07 -1.27 15.50
C ILE B 39 12.03 -0.12 16.46
N VAL B 40 11.90 1.09 15.93
CA VAL B 40 11.97 2.29 16.75
C VAL B 40 10.71 2.49 17.58
N HIS B 41 9.57 2.05 17.04
CA HIS B 41 8.31 2.25 17.73
C HIS B 41 7.30 1.24 17.27
N ILE B 42 6.52 0.71 18.20
CA ILE B 42 5.45 -0.22 17.87
C ILE B 42 4.38 -0.09 18.96
N SER B 43 3.14 0.18 18.59
CA SER B 43 2.03 0.15 19.53
C SER B 43 0.80 -0.38 18.82
N ASP B 44 -0.23 -0.72 19.59
CA ASP B 44 -1.48 -1.22 19.02
C ASP B 44 -2.59 -0.17 19.02
N VAL B 45 -2.23 1.06 19.35
CA VAL B 45 -3.16 2.20 19.27
C VAL B 45 -2.51 3.29 18.44
N GLY B 46 -3.29 4.27 18.03
CA GLY B 46 -2.77 5.29 17.11
C GLY B 46 -2.50 4.73 15.72
N GLY B 47 -1.59 5.37 14.99
CA GLY B 47 -1.42 5.12 13.56
C GLY B 47 -2.50 5.82 12.74
N LYS B 48 -2.38 5.73 11.41
CA LYS B 48 -3.36 6.30 10.47
C LYS B 48 -4.80 5.91 10.81
N TYR B 49 -5.00 4.68 11.26
CA TYR B 49 -6.34 4.11 11.34
C TYR B 49 -6.75 3.82 12.74
N GLY B 50 -5.89 4.15 13.69
CA GLY B 50 -6.21 3.95 15.11
C GLY B 50 -6.01 2.55 15.62
N LYS B 51 -5.44 1.68 14.80
CA LYS B 51 -5.29 0.27 15.16
C LYS B 51 -3.83 -0.13 15.32
N GLY B 52 -2.95 0.84 15.51
CA GLY B 52 -1.54 0.55 15.71
C GLY B 52 -0.64 1.03 14.59
N GLU B 53 0.67 0.96 14.85
CA GLU B 53 1.69 1.53 13.99
C GLU B 53 3.04 0.84 14.28
N LEU B 54 3.89 0.71 13.26
CA LEU B 54 5.29 0.39 13.49
C LEU B 54 6.16 1.37 12.73
N VAL B 55 7.28 1.79 13.35
CA VAL B 55 8.30 2.53 12.67
C VAL B 55 9.56 1.69 12.88
N ALA B 56 10.28 1.39 11.79
CA ALA B 56 11.51 0.56 11.85
C ALA B 56 12.59 1.14 10.94
N GLU B 57 13.84 0.78 11.15
CA GLU B 57 14.95 1.32 10.38
C GLU B 57 15.88 0.22 9.89
N LEU B 58 16.50 0.47 8.75
CA LEU B 58 17.60 -0.35 8.25
C LEU B 58 18.74 0.62 7.88
N ASP B 59 19.91 0.41 8.48
CA ASP B 59 21.07 1.19 8.11
C ASP B 59 21.63 0.66 6.79
N ILE B 60 22.04 1.59 5.93
CA ILE B 60 22.64 1.25 4.65
C ILE B 60 24.15 1.55 4.64
N ASN B 61 24.90 0.70 3.94
CA ASN B 61 26.28 0.97 3.57
C ASN B 61 26.58 0.22 2.26
N PRO B 62 27.59 0.66 1.50
CA PRO B 62 27.84 0.08 0.18
C PRO B 62 28.09 -1.42 0.14
N ASP B 63 28.51 -1.99 1.27
CA ASP B 63 28.93 -3.39 1.29
C ASP B 63 27.76 -4.36 1.61
N LEU B 64 26.55 -3.83 1.75
CA LEU B 64 25.38 -4.69 1.86
C LEU B 64 25.31 -5.62 0.65
N TRP B 65 25.05 -6.90 0.92
CA TRP B 65 25.25 -7.97 -0.05
C TRP B 65 24.53 -7.75 -1.35
N PHE B 66 23.30 -7.25 -1.26
CA PHE B 66 22.47 -7.14 -2.45
C PHE B 66 22.97 -6.11 -3.46
N PHE B 67 23.77 -5.15 -3.03
CA PHE B 67 24.29 -4.10 -3.92
C PHE B 67 25.26 -4.66 -4.97
N ALA B 68 26.03 -5.68 -4.59
CA ALA B 68 27.06 -6.25 -5.48
C ALA B 68 26.44 -7.05 -6.63
N CYS B 69 25.30 -7.71 -6.39
CA CYS B 69 24.70 -8.56 -7.41
C CYS B 69 23.51 -7.92 -8.14
N HIS B 70 23.20 -6.69 -7.76
CA HIS B 70 21.98 -6.03 -8.18
C HIS B 70 22.19 -4.54 -8.22
N PHE B 71 22.79 -4.01 -9.28
CA PHE B 71 23.36 -4.75 -10.40
C PHE B 71 24.83 -4.45 -10.53
N GLU B 72 25.53 -5.29 -11.29
CA GLU B 72 26.94 -5.05 -11.58
C GLU B 72 27.01 -3.76 -12.40
N GLY B 73 27.71 -2.76 -11.85
CA GLY B 73 27.87 -1.46 -12.49
C GLY B 73 26.74 -0.46 -12.22
N ASP B 74 25.79 -0.86 -11.38
CA ASP B 74 24.59 -0.06 -11.12
C ASP B 74 23.90 -0.59 -9.86
N PRO B 75 24.55 -0.43 -8.70
CA PRO B 75 23.98 -0.98 -7.49
C PRO B 75 22.73 -0.22 -7.07
N VAL B 76 21.76 -0.96 -6.57
CA VAL B 76 20.53 -0.36 -6.08
C VAL B 76 19.80 -1.42 -5.28
N MET B 77 19.29 -1.06 -4.12
CA MET B 77 18.56 -2.03 -3.30
C MET B 77 17.34 -2.52 -4.07
N PRO B 78 17.11 -3.83 -4.10
CA PRO B 78 15.91 -4.35 -4.71
C PRO B 78 14.61 -3.93 -4.01
N GLY B 79 13.62 -3.51 -4.80
CA GLY B 79 12.34 -3.10 -4.23
C GLY B 79 11.66 -4.22 -3.45
N CYS B 80 11.76 -5.45 -3.95
CA CYS B 80 11.16 -6.59 -3.27
C CYS B 80 11.67 -6.72 -1.85
N LEU B 81 12.93 -6.42 -1.60
CA LEU B 81 13.46 -6.46 -0.22
C LEU B 81 12.82 -5.38 0.69
N GLY B 82 12.59 -4.17 0.18
CA GLY B 82 11.88 -3.17 0.98
C GLY B 82 10.43 -3.60 1.18
N LEU B 83 9.87 -4.19 0.15
CA LEU B 83 8.54 -4.70 0.28
C LEU B 83 8.54 -5.73 1.38
N ASP B 84 9.54 -6.63 1.37
CA ASP B 84 9.50 -7.76 2.28
C ASP B 84 9.65 -7.32 3.70
N ALA B 85 10.42 -6.24 3.90
CA ALA B 85 10.56 -5.63 5.21
C ALA B 85 9.20 -5.25 5.79
N MET B 86 8.30 -4.75 4.93
CA MET B 86 6.96 -4.38 5.41
C MET B 86 6.21 -5.63 5.86
N TRP B 87 6.32 -6.71 5.10
CA TRP B 87 5.67 -7.98 5.54
C TRP B 87 6.33 -8.51 6.79
N GLN B 88 7.67 -8.42 6.87
CA GLN B 88 8.36 -8.84 8.07
C GLN B 88 7.77 -8.09 9.26
N LEU B 89 7.58 -6.78 9.13
CA LEU B 89 7.10 -5.96 10.24
C LEU B 89 5.68 -6.30 10.64
N VAL B 90 4.82 -6.56 9.67
CA VAL B 90 3.42 -6.86 9.99
C VAL B 90 3.37 -8.22 10.69
N GLY B 91 4.16 -9.17 10.22
CA GLY B 91 4.29 -10.48 10.90
C GLY B 91 4.71 -10.32 12.34
N PHE B 92 5.72 -9.48 12.54
CA PHE B 92 6.26 -9.20 13.88
C PHE B 92 5.16 -8.66 14.78
N TYR B 93 4.35 -7.78 14.23
CA TYR B 93 3.26 -7.17 14.98
C TYR B 93 2.29 -8.25 15.47
N LEU B 94 1.91 -9.18 14.60
CA LEU B 94 0.96 -10.22 15.01
C LEU B 94 1.48 -11.05 16.19
N GLY B 95 2.76 -11.44 16.12
CA GLY B 95 3.38 -12.25 17.18
C GLY B 95 3.53 -11.46 18.46
N TRP B 96 3.86 -10.19 18.29
CA TRP B 96 3.96 -9.23 19.39
C TRP B 96 2.63 -9.02 20.10
N GLN B 97 1.52 -9.16 19.39
CA GLN B 97 0.20 -9.09 20.04
C GLN B 97 -0.10 -10.31 20.89
N GLY B 98 0.73 -11.36 20.78
CA GLY B 98 0.60 -12.55 21.61
C GLY B 98 -0.10 -13.73 20.91
N ASN B 99 -0.44 -13.55 19.63
CA ASN B 99 -1.10 -14.59 18.88
C ASN B 99 -0.12 -15.73 18.58
N PRO B 100 -0.62 -16.97 18.53
CA PRO B 100 0.22 -18.12 18.18
C PRO B 100 0.25 -18.42 16.67
N GLY B 101 1.32 -19.06 16.22
CA GLY B 101 1.44 -19.53 14.85
C GLY B 101 2.58 -18.89 14.05
N ARG B 102 2.94 -19.57 12.97
CA ARG B 102 4.02 -19.12 12.10
C ARG B 102 3.47 -18.13 11.10
N GLY B 103 4.30 -17.15 10.76
CA GLY B 103 3.91 -16.07 9.85
C GLY B 103 4.14 -16.42 8.39
N ARG B 104 3.19 -16.02 7.56
CA ARG B 104 3.32 -16.13 6.13
C ARG B 104 2.74 -14.86 5.53
N ALA B 105 3.46 -14.21 4.63
CA ALA B 105 2.89 -13.10 3.83
C ALA B 105 1.77 -13.67 2.97
N LEU B 106 0.62 -13.00 2.92
CA LEU B 106 -0.51 -13.44 2.08
C LEU B 106 -0.62 -12.64 0.78
N GLY B 107 -0.11 -11.40 0.78
CA GLY B 107 0.05 -10.60 -0.46
C GLY B 107 -0.10 -9.12 -0.21
N SER B 108 -0.55 -8.38 -1.22
CA SER B 108 -1.03 -7.01 -1.01
C SER B 108 -1.87 -6.49 -2.16
N GLY B 109 -2.48 -5.33 -1.96
CA GLY B 109 -3.08 -4.55 -3.03
C GLY B 109 -1.99 -3.71 -3.66
N GLU B 110 -2.35 -2.58 -4.24
CA GLU B 110 -1.39 -1.77 -4.99
C GLU B 110 -0.01 -1.66 -4.31
N VAL B 111 1.05 -1.90 -5.06
CA VAL B 111 2.43 -1.58 -4.63
C VAL B 111 3.06 -0.62 -5.62
N LYS B 112 3.72 0.41 -5.11
CA LYS B 112 4.35 1.41 -5.98
C LYS B 112 5.80 1.65 -5.59
N PHE B 113 6.67 1.62 -6.59
CA PHE B 113 8.04 2.03 -6.43
C PHE B 113 8.23 3.28 -7.25
N PHE B 114 8.64 4.35 -6.60
CA PHE B 114 8.86 5.63 -7.25
C PHE B 114 10.10 6.35 -6.70
N GLY B 115 11.09 5.56 -6.27
CA GLY B 115 12.40 6.05 -5.95
C GLY B 115 13.30 4.86 -5.67
N GLN B 116 14.54 5.12 -5.24
CA GLN B 116 15.46 4.03 -5.01
C GLN B 116 16.43 4.29 -3.84
N VAL B 117 17.04 3.22 -3.37
CA VAL B 117 18.05 3.26 -2.34
C VAL B 117 19.42 2.97 -2.97
N LEU B 118 20.25 4.00 -3.08
CA LEU B 118 21.62 3.85 -3.56
C LEU B 118 22.55 3.46 -2.41
N PRO B 119 23.70 2.88 -2.71
CA PRO B 119 24.65 2.58 -1.62
C PRO B 119 25.23 3.80 -0.87
N THR B 120 25.02 5.00 -1.41
CA THR B 120 25.44 6.25 -0.78
C THR B 120 24.43 6.73 0.26
N ALA B 121 23.29 6.06 0.35
CA ALA B 121 22.27 6.36 1.36
C ALA B 121 22.79 5.99 2.76
N LYS B 122 22.11 6.53 3.77
CA LYS B 122 22.47 6.31 5.15
C LYS B 122 21.47 5.38 5.81
N LYS B 123 20.17 5.63 5.61
CA LYS B 123 19.15 4.95 6.40
C LYS B 123 17.78 4.82 5.71
N VAL B 124 17.27 3.60 5.68
CA VAL B 124 15.95 3.34 5.20
C VAL B 124 15.02 3.28 6.41
N THR B 125 13.86 3.94 6.33
CA THR B 125 12.87 3.88 7.40
C THR B 125 11.53 3.36 6.87
N TYR B 126 10.92 2.42 7.60
CA TYR B 126 9.63 1.87 7.26
C TYR B 126 8.57 2.42 8.21
N ASN B 127 7.40 2.77 7.69
CA ASN B 127 6.27 3.20 8.50
C ASN B 127 5.07 2.36 8.08
N ILE B 128 4.47 1.64 9.03
CA ILE B 128 3.40 0.69 8.77
C ILE B 128 2.22 1.10 9.59
N HIS B 129 1.05 1.12 8.97
CA HIS B 129 -0.15 1.46 9.65
C HIS B 129 -1.07 0.31 9.55
N ILE B 130 -1.40 -0.25 10.70
CA ILE B 130 -2.29 -1.36 10.74
C ILE B 130 -3.70 -0.86 10.48
N LYS B 131 -4.39 -1.51 9.55
CA LYS B 131 -5.73 -1.10 9.12
C LYS B 131 -6.78 -1.90 9.84
N ARG B 132 -6.51 -3.19 9.98
CA ARG B 132 -7.48 -4.15 10.48
C ARG B 132 -6.72 -5.38 10.96
N THR B 133 -7.23 -6.01 12.01
CA THR B 133 -6.88 -7.37 12.34
C THR B 133 -8.11 -8.24 12.33
N ILE B 134 -7.96 -9.46 11.82
CA ILE B 134 -9.06 -10.40 11.80
C ILE B 134 -8.68 -11.58 12.69
N ASN B 135 -9.56 -11.93 13.62
CA ASN B 135 -9.31 -12.98 14.60
C ASN B 135 -10.40 -14.02 14.45
N ARG B 136 -10.58 -14.51 13.22
CA ARG B 136 -11.55 -15.56 12.94
C ARG B 136 -10.82 -16.92 12.98
N SER B 137 -11.25 -17.89 12.17
CA SER B 137 -10.59 -19.21 12.14
C SER B 137 -9.11 -19.11 11.71
N LEU B 138 -8.80 -18.18 10.81
CA LEU B 138 -7.41 -17.77 10.61
C LEU B 138 -7.22 -16.34 11.11
N VAL B 139 -6.08 -16.09 11.76
CA VAL B 139 -5.72 -14.76 12.28
C VAL B 139 -4.83 -14.03 11.30
N LEU B 140 -5.17 -12.79 10.99
CA LEU B 140 -4.40 -12.01 10.02
C LEU B 140 -4.52 -10.49 10.22
N ALA B 141 -3.58 -9.78 9.60
CA ALA B 141 -3.46 -8.33 9.72
C ALA B 141 -3.40 -7.76 8.34
N ILE B 142 -3.98 -6.58 8.18
CA ILE B 142 -3.94 -5.83 6.94
C ILE B 142 -3.42 -4.45 7.29
N ALA B 143 -2.54 -3.93 6.47
CA ALA B 143 -1.82 -2.71 6.79
C ALA B 143 -1.36 -2.01 5.52
N ASP B 144 -1.21 -0.69 5.61
CA ASP B 144 -0.55 0.07 4.58
C ASP B 144 0.86 0.37 5.08
N GLY B 145 1.79 0.48 4.17
CA GLY B 145 3.14 0.82 4.54
C GLY B 145 3.83 1.69 3.50
N THR B 146 4.81 2.44 3.96
CA THR B 146 5.67 3.21 3.09
C THR B 146 7.10 2.98 3.51
N VAL B 147 7.98 3.06 2.54
CA VAL B 147 9.41 2.93 2.73
C VAL B 147 10.02 4.27 2.33
N SER B 148 10.87 4.83 3.19
CA SER B 148 11.55 6.10 2.92
C SER B 148 13.06 5.94 3.05
N VAL B 149 13.81 6.71 2.28
CA VAL B 149 15.25 6.69 2.39
C VAL B 149 15.70 8.10 2.69
N ASP B 150 16.41 8.28 3.79
CA ASP B 150 16.93 9.61 4.19
C ASP B 150 15.87 10.72 4.05
N GLY B 151 14.69 10.45 4.62
CA GLY B 151 13.63 11.44 4.73
C GLY B 151 12.67 11.45 3.57
N ARG B 152 13.10 10.85 2.46
CA ARG B 152 12.33 10.90 1.24
C ARG B 152 11.52 9.60 1.03
N GLU B 153 10.25 9.74 0.74
CA GLU B 153 9.30 8.64 0.54
C GLU B 153 9.49 8.03 -0.86
N ILE B 154 9.74 6.72 -0.93
CA ILE B 154 10.05 6.07 -2.21
C ILE B 154 9.12 4.90 -2.63
N TYR B 155 8.71 4.06 -1.68
CA TYR B 155 7.75 2.99 -1.97
C TYR B 155 6.49 3.15 -1.12
N SER B 156 5.42 2.54 -1.60
CA SER B 156 4.16 2.48 -0.84
C SER B 156 3.46 1.18 -1.18
N ALA B 157 2.74 0.63 -0.21
CA ALA B 157 2.03 -0.67 -0.39
C ALA B 157 0.74 -0.52 0.32
N GLU B 158 -0.37 -0.74 -0.37
CA GLU B 158 -1.68 -0.72 0.23
C GLU B 158 -2.14 -2.16 0.40
N GLY B 159 -2.80 -2.45 1.51
CA GLY B 159 -3.36 -3.75 1.75
C GLY B 159 -2.35 -4.86 1.90
N LEU B 160 -1.23 -4.60 2.56
CA LEU B 160 -0.30 -5.67 2.89
C LEU B 160 -1.07 -6.63 3.77
N ARG B 161 -0.97 -7.94 3.49
CA ARG B 161 -1.59 -8.99 4.30
C ARG B 161 -0.59 -10.02 4.78
N VAL B 162 -0.61 -10.27 6.09
CA VAL B 162 0.18 -11.30 6.70
C VAL B 162 -0.72 -12.08 7.63
N GLY B 163 -0.53 -13.40 7.66
CA GLY B 163 -1.39 -14.28 8.45
C GLY B 163 -0.58 -15.24 9.25
N LEU B 164 -1.19 -15.77 10.31
CA LEU B 164 -0.52 -16.71 11.22
C LEU B 164 -1.15 -18.08 11.10
N PHE B 165 -0.29 -19.09 11.14
CA PHE B 165 -0.66 -20.48 10.87
C PHE B 165 -0.21 -21.40 11.97
N THR B 166 -1.19 -21.94 12.71
CA THR B 166 -0.92 -22.87 13.82
C THR B 166 -0.56 -24.23 13.21
N SER B 167 -0.25 -25.21 14.04
CA SER B 167 0.19 -26.50 13.51
C SER B 167 -0.92 -27.23 12.74
N THR B 168 -2.17 -26.80 12.92
CA THR B 168 -3.32 -27.37 12.21
C THR B 168 -3.67 -26.62 10.91
N ASP B 169 -3.17 -25.39 10.75
CA ASP B 169 -3.55 -24.54 9.61
C ASP B 169 -2.72 -24.81 8.34
N SER B 170 -3.43 -24.99 7.22
CA SER B 170 -2.85 -25.56 5.98
C SER B 170 -2.28 -24.53 4.98
N PHE B 171 -1.18 -24.92 4.31
CA PHE B 171 -0.52 -24.13 3.26
C PHE B 171 0.19 -25.07 2.27
N THR C 2 11.41 25.29 -14.01
CA THR C 2 11.48 23.80 -13.96
C THR C 2 12.91 23.32 -13.77
N LYS C 3 13.86 24.24 -13.58
CA LYS C 3 15.29 23.91 -13.75
C LYS C 3 16.03 23.59 -12.46
N GLN C 4 15.78 24.36 -11.41
CA GLN C 4 16.46 24.17 -10.14
C GLN C 4 15.64 23.14 -9.36
N HIS C 5 16.32 22.16 -8.77
CA HIS C 5 15.63 21.02 -8.14
C HIS C 5 15.75 21.01 -6.63
N ALA C 6 16.42 22.01 -6.05
CA ALA C 6 16.52 22.15 -4.61
C ALA C 6 16.67 23.62 -4.28
N PHE C 7 16.18 23.99 -3.11
CA PHE C 7 16.16 25.40 -2.69
C PHE C 7 16.60 25.57 -1.23
N THR C 8 17.35 26.62 -0.95
CA THR C 8 17.81 26.87 0.40
C THR C 8 16.82 27.85 1.07
N ARG C 9 16.97 28.03 2.38
CA ARG C 9 16.09 28.92 3.10
C ARG C 9 16.06 30.30 2.46
N GLU C 10 17.21 30.75 1.95
CA GLU C 10 17.33 32.08 1.35
C GLU C 10 16.66 32.13 -0.02
N ASP C 11 16.65 31.03 -0.75
CA ASP C 11 15.88 30.96 -1.98
C ASP C 11 14.40 31.14 -1.61
N LEU C 12 13.98 30.49 -0.53
CA LEU C 12 12.58 30.59 -0.10
C LEU C 12 12.22 32.00 0.39
N LEU C 13 13.10 32.64 1.16
CA LEU C 13 12.86 34.00 1.59
C LEU C 13 12.80 34.94 0.38
N ARG C 14 13.59 34.66 -0.65
CA ARG C 14 13.56 35.44 -1.88
C ARG C 14 12.18 35.26 -2.51
N CYS C 15 11.71 34.02 -2.55
CA CYS C 15 10.37 33.73 -3.03
C CYS C 15 9.33 34.49 -2.22
N SER C 16 9.55 34.61 -0.90
CA SER C 16 8.61 35.30 -0.01
C SER C 16 8.52 36.79 -0.34
N ARG C 17 9.59 37.33 -0.88
CA ARG C 17 9.62 38.72 -1.33
C ARG C 17 9.00 38.89 -2.72
N GLY C 18 8.77 37.79 -3.40
CA GLY C 18 8.21 37.83 -4.75
C GLY C 18 9.28 38.00 -5.81
N GLU C 19 10.51 37.60 -5.46
CA GLU C 19 11.66 37.80 -6.34
C GLU C 19 12.17 36.50 -6.98
N LEU C 20 11.58 35.36 -6.63
CA LEU C 20 11.94 34.07 -7.25
C LEU C 20 11.11 33.83 -8.51
N PHE C 21 9.78 33.94 -8.39
CA PHE C 21 8.89 33.71 -9.52
C PHE C 21 8.34 34.97 -10.20
N GLY C 22 8.71 36.14 -9.70
CA GLY C 22 8.33 37.40 -10.32
C GLY C 22 7.03 37.99 -9.76
N PRO C 23 6.72 39.23 -10.18
CA PRO C 23 5.58 39.95 -9.60
C PRO C 23 4.23 39.45 -10.13
N GLY C 24 3.28 39.23 -9.22
CA GLY C 24 1.98 38.69 -9.57
C GLY C 24 1.95 37.18 -9.65
N ASN C 25 3.08 36.54 -9.34
CA ASN C 25 3.17 35.08 -9.34
C ASN C 25 3.31 34.54 -7.91
N ALA C 26 3.46 33.22 -7.77
CA ALA C 26 3.42 32.54 -6.46
C ALA C 26 4.43 33.14 -5.50
N GLN C 27 4.00 33.33 -4.24
CA GLN C 27 4.91 33.66 -3.16
C GLN C 27 4.64 32.74 -1.98
N LEU C 28 5.69 32.24 -1.37
CA LEU C 28 5.60 31.67 -0.05
C LEU C 28 5.36 32.82 0.92
N PRO C 29 4.72 32.53 2.07
CA PRO C 29 4.66 33.56 3.11
C PRO C 29 6.01 33.69 3.77
N ALA C 30 6.25 34.82 4.42
CA ALA C 30 7.47 35.03 5.21
C ALA C 30 7.28 34.52 6.64
N PRO C 31 8.36 34.47 7.42
CA PRO C 31 8.18 34.27 8.86
C PRO C 31 7.21 35.30 9.44
N ASN C 32 6.35 34.92 10.38
CA ASN C 32 6.37 33.62 11.02
C ASN C 32 5.45 32.57 10.41
N MET C 33 4.87 32.85 9.25
CA MET C 33 3.95 31.89 8.62
C MET C 33 4.64 30.84 7.76
N LEU C 34 5.84 31.14 7.30
CA LEU C 34 6.62 30.21 6.49
C LEU C 34 6.93 28.94 7.28
N MET C 35 6.46 27.78 6.81
CA MET C 35 6.74 26.55 7.53
C MET C 35 7.78 25.61 6.89
N ILE C 36 8.60 26.16 6.00
CA ILE C 36 9.64 25.39 5.32
C ILE C 36 11.00 26.08 5.44
N ASP C 37 12.03 25.32 5.81
CA ASP C 37 13.41 25.81 5.87
C ASP C 37 14.13 25.58 4.55
N ARG C 38 13.86 24.45 3.89
CA ARG C 38 14.47 24.18 2.60
C ARG C 38 13.66 23.13 1.81
N ILE C 39 13.73 23.20 0.48
CA ILE C 39 13.09 22.20 -0.39
C ILE C 39 14.21 21.29 -0.88
N VAL C 40 14.27 20.06 -0.35
CA VAL C 40 15.40 19.16 -0.65
C VAL C 40 15.33 18.59 -2.05
N HIS C 41 14.11 18.44 -2.57
CA HIS C 41 13.92 17.87 -3.88
C HIS C 41 12.59 18.31 -4.44
N ILE C 42 12.57 18.62 -5.72
CA ILE C 42 11.34 18.95 -6.42
C ILE C 42 11.53 18.56 -7.87
N SER C 43 10.63 17.76 -8.42
CA SER C 43 10.60 17.51 -9.86
C SER C 43 9.16 17.38 -10.33
N ASP C 44 8.96 17.42 -11.65
CA ASP C 44 7.63 17.27 -12.23
C ASP C 44 7.39 15.88 -12.83
N VAL C 45 8.33 14.97 -12.58
CA VAL C 45 8.18 13.56 -12.96
C VAL C 45 8.40 12.68 -11.72
N GLY C 46 8.01 11.42 -11.81
CA GLY C 46 8.05 10.56 -10.63
C GLY C 46 7.01 10.95 -9.58
N GLY C 47 7.27 10.61 -8.33
CA GLY C 47 6.25 10.69 -7.28
C GLY C 47 5.31 9.48 -7.33
N LYS C 48 4.41 9.40 -6.34
CA LYS C 48 3.40 8.35 -6.27
C LYS C 48 2.61 8.20 -7.56
N TYR C 49 2.32 9.32 -8.22
CA TYR C 49 1.38 9.31 -9.34
C TYR C 49 2.03 9.60 -10.67
N GLY C 50 3.34 9.77 -10.67
CA GLY C 50 4.08 10.06 -11.90
C GLY C 50 3.99 11.49 -12.38
N LYS C 51 3.41 12.39 -11.57
CA LYS C 51 3.21 13.77 -11.97
C LYS C 51 4.02 14.73 -11.11
N GLY C 52 5.06 14.23 -10.43
CA GLY C 52 5.94 15.09 -9.66
C GLY C 52 5.85 14.88 -8.16
N GLU C 53 6.78 15.50 -7.43
CA GLU C 53 7.02 15.26 -6.04
C GLU C 53 7.75 16.47 -5.42
N LEU C 54 7.49 16.77 -4.16
CA LEU C 54 8.38 17.64 -3.37
C LEU C 54 8.74 16.97 -2.08
N VAL C 55 9.99 17.17 -1.66
CA VAL C 55 10.45 16.80 -0.33
C VAL C 55 11.00 18.05 0.26
N ALA C 56 10.53 18.42 1.45
CA ALA C 56 10.96 19.68 2.10
C ALA C 56 11.19 19.43 3.57
N GLU C 57 11.97 20.31 4.22
CA GLU C 57 12.29 20.15 5.62
C GLU C 57 12.03 21.42 6.41
N LEU C 58 11.74 21.24 7.70
CA LEU C 58 11.73 22.32 8.67
C LEU C 58 12.52 21.85 9.88
N ASP C 59 13.54 22.61 10.25
CA ASP C 59 14.31 22.31 11.47
C ASP C 59 13.51 22.74 12.69
N ILE C 60 13.54 21.92 13.73
CA ILE C 60 12.86 22.20 14.98
C ILE C 60 13.88 22.54 16.07
N ASN C 61 13.53 23.51 16.90
CA ASN C 61 14.26 23.77 18.12
C ASN C 61 13.27 24.38 19.10
N PRO C 62 13.59 24.34 20.41
CA PRO C 62 12.57 24.70 21.40
C PRO C 62 12.08 26.15 21.32
N ASP C 63 12.87 27.01 20.71
CA ASP C 63 12.58 28.43 20.71
C ASP C 63 11.68 28.88 19.54
N LEU C 64 11.25 27.94 18.72
CA LEU C 64 10.28 28.27 17.68
C LEU C 64 9.04 28.88 18.35
N TRP C 65 8.54 29.97 17.75
CA TRP C 65 7.55 30.83 18.39
C TRP C 65 6.33 30.11 18.83
N PHE C 66 5.86 29.18 18.01
CA PHE C 66 4.56 28.54 18.28
C PHE C 66 4.58 27.66 19.54
N PHE C 67 5.75 27.20 19.95
CA PHE C 67 5.84 26.29 21.09
C PHE C 67 5.44 26.98 22.38
N ALA C 68 5.76 28.26 22.47
CA ALA C 68 5.53 29.01 23.71
C ALA C 68 4.05 29.28 23.96
N CYS C 69 3.26 29.48 22.90
CA CYS C 69 1.84 29.82 23.06
C CYS C 69 0.90 28.63 22.81
N HIS C 70 1.49 27.46 22.53
CA HIS C 70 0.73 26.30 22.11
C HIS C 70 1.45 25.06 22.55
N PHE C 71 1.30 24.62 23.81
CA PHE C 71 0.55 25.32 24.86
C PHE C 71 1.47 25.62 26.03
N GLU C 72 1.03 26.53 26.90
CA GLU C 72 1.77 26.80 28.12
C GLU C 72 1.77 25.53 28.96
N GLY C 73 2.97 25.00 29.23
CA GLY C 73 3.15 23.78 30.02
C GLY C 73 3.09 22.49 29.21
N ASP C 74 2.92 22.62 27.90
CA ASP C 74 2.70 21.47 27.02
C ASP C 74 2.94 21.88 25.57
N PRO C 75 4.18 22.22 25.23
CA PRO C 75 4.46 22.73 23.89
C PRO C 75 4.30 21.62 22.86
N VAL C 76 3.78 21.99 21.69
CA VAL C 76 3.60 21.06 20.61
C VAL C 76 3.29 21.87 19.36
N MET C 77 3.93 21.54 18.25
CA MET C 77 3.67 22.24 17.00
C MET C 77 2.23 22.05 16.59
N PRO C 78 1.56 23.14 16.19
CA PRO C 78 0.16 23.03 15.76
C PRO C 78 0.02 22.25 14.46
N GLY C 79 -0.98 21.35 14.40
CA GLY C 79 -1.19 20.55 13.19
C GLY C 79 -1.51 21.42 11.98
N CYS C 80 -2.29 22.46 12.19
CA CYS C 80 -2.67 23.36 11.10
C CYS C 80 -1.43 23.94 10.42
N LEU C 81 -0.37 24.22 11.19
CA LEU C 81 0.86 24.71 10.57
C LEU C 81 1.53 23.66 9.67
N GLY C 82 1.55 22.39 10.08
CA GLY C 82 2.08 21.35 9.22
C GLY C 82 1.19 21.18 8.00
N LEU C 83 -0.11 21.32 8.22
CA LEU C 83 -1.03 21.26 7.13
C LEU C 83 -0.71 22.37 6.17
N ASP C 84 -0.50 23.57 6.70
CA ASP C 84 -0.33 24.72 5.83
C ASP C 84 0.96 24.63 5.02
N ALA C 85 2.00 24.04 5.61
CA ALA C 85 3.25 23.77 4.93
C ALA C 85 2.98 22.93 3.65
N MET C 86 2.02 22.01 3.69
CA MET C 86 1.72 21.21 2.52
C MET C 86 1.08 22.08 1.46
N TRP C 87 0.17 22.96 1.84
CA TRP C 87 -0.38 23.90 0.87
C TRP C 87 0.67 24.84 0.35
N GLN C 88 1.54 25.33 1.25
CA GLN C 88 2.63 26.20 0.82
C GLN C 88 3.41 25.50 -0.29
N LEU C 89 3.72 24.23 -0.08
CA LEU C 89 4.54 23.52 -1.03
C LEU C 89 3.84 23.30 -2.37
N VAL C 90 2.54 23.03 -2.35
CA VAL C 90 1.80 22.78 -3.60
C VAL C 90 1.71 24.09 -4.40
N GLY C 91 1.45 25.19 -3.71
CA GLY C 91 1.55 26.51 -4.33
C GLY C 91 2.90 26.79 -4.98
N PHE C 92 3.98 26.51 -4.24
CA PHE C 92 5.35 26.69 -4.74
C PHE C 92 5.54 25.92 -6.02
N TYR C 93 5.04 24.70 -6.05
CA TYR C 93 5.18 23.84 -7.22
C TYR C 93 4.53 24.48 -8.44
N LEU C 94 3.32 25.02 -8.28
CA LEU C 94 2.64 25.63 -9.41
C LEU C 94 3.45 26.76 -10.01
N GLY C 95 3.98 27.63 -9.15
CA GLY C 95 4.77 28.77 -9.61
C GLY C 95 6.05 28.32 -10.26
N TRP C 96 6.63 27.28 -9.67
CA TRP C 96 7.86 26.68 -10.16
C TRP C 96 7.67 26.07 -11.52
N GLN C 97 6.46 25.62 -11.84
CA GLN C 97 6.17 25.15 -13.20
C GLN C 97 6.09 26.28 -14.23
N GLY C 98 6.07 27.53 -13.78
CA GLY C 98 6.04 28.69 -14.68
C GLY C 98 4.66 29.27 -14.91
N ASN C 99 3.66 28.77 -14.20
CA ASN C 99 2.30 29.30 -14.28
C ASN C 99 2.23 30.66 -13.62
N PRO C 100 1.36 31.54 -14.13
CA PRO C 100 1.20 32.86 -13.53
C PRO C 100 0.10 32.89 -12.49
N GLY C 101 0.20 33.83 -11.55
CA GLY C 101 -0.88 34.09 -10.60
C GLY C 101 -0.50 33.88 -9.15
N ARG C 102 -1.30 34.45 -8.26
CA ARG C 102 -1.08 34.35 -6.83
C ARG C 102 -1.73 33.05 -6.32
N GLY C 103 -1.10 32.43 -5.34
CA GLY C 103 -1.57 31.16 -4.77
C GLY C 103 -2.58 31.31 -3.66
N ARG C 104 -3.59 30.44 -3.65
CA ARG C 104 -4.57 30.38 -2.59
C ARG C 104 -4.88 28.89 -2.37
N ALA C 105 -4.84 28.42 -1.12
CA ALA C 105 -5.32 27.09 -0.80
C ALA C 105 -6.82 27.01 -1.09
N LEU C 106 -7.27 25.94 -1.73
CA LEU C 106 -8.69 25.72 -2.00
C LEU C 106 -9.34 24.71 -1.03
N GLY C 107 -8.52 23.86 -0.42
CA GLY C 107 -8.95 23.00 0.68
C GLY C 107 -8.28 21.63 0.64
N SER C 108 -8.94 20.60 1.17
CA SER C 108 -8.51 19.23 0.97
C SER C 108 -9.60 18.25 1.32
N GLY C 109 -9.38 16.98 0.95
CA GLY C 109 -10.16 15.87 1.47
C GLY C 109 -9.60 15.48 2.82
N GLU C 110 -9.79 14.23 3.20
CA GLU C 110 -9.40 13.75 4.52
C GLU C 110 -8.05 14.27 5.01
N VAL C 111 -8.01 14.79 6.24
CA VAL C 111 -6.74 15.13 6.91
C VAL C 111 -6.66 14.39 8.24
N LYS C 112 -5.50 13.82 8.54
CA LYS C 112 -5.34 13.02 9.75
C LYS C 112 -4.11 13.42 10.53
N PHE C 113 -4.29 13.61 11.83
CA PHE C 113 -3.19 13.85 12.75
C PHE C 113 -3.13 12.67 13.70
N PHE C 114 -2.01 11.98 13.71
CA PHE C 114 -1.82 10.81 14.56
C PHE C 114 -0.41 10.76 15.13
N GLY C 115 0.17 11.94 15.34
CA GLY C 115 1.39 12.06 16.08
C GLY C 115 1.62 13.53 16.32
N GLN C 116 2.75 13.87 16.94
CA GLN C 116 3.03 15.27 17.22
C GLN C 116 4.51 15.61 17.08
N VAL C 117 4.77 16.92 16.98
CA VAL C 117 6.11 17.45 16.96
C VAL C 117 6.42 18.16 18.28
N LEU C 118 7.26 17.55 19.11
CA LEU C 118 7.70 18.16 20.37
C LEU C 118 8.93 19.06 20.15
N PRO C 119 9.20 19.99 21.07
CA PRO C 119 10.38 20.85 20.90
C PRO C 119 11.74 20.11 21.02
N THR C 120 11.70 18.85 21.45
CA THR C 120 12.86 17.98 21.56
C THR C 120 13.15 17.26 20.21
N ALA C 121 12.28 17.44 19.21
CA ALA C 121 12.51 16.91 17.87
C ALA C 121 13.63 17.68 17.18
N LYS C 122 14.13 17.10 16.10
CA LYS C 122 15.22 17.71 15.34
C LYS C 122 14.70 18.24 14.02
N LYS C 123 13.88 17.47 13.31
CA LYS C 123 13.50 17.83 11.94
C LYS C 123 12.17 17.28 11.45
N VAL C 124 11.34 18.19 10.92
CA VAL C 124 10.10 17.82 10.29
C VAL C 124 10.35 17.74 8.79
N THR C 125 9.87 16.68 8.15
CA THR C 125 10.00 16.51 6.70
C THR C 125 8.63 16.37 6.07
N TYR C 126 8.41 17.09 4.98
CA TYR C 126 7.16 17.00 4.21
C TYR C 126 7.40 16.24 2.91
N ASN C 127 6.47 15.37 2.55
CA ASN C 127 6.50 14.69 1.27
C ASN C 127 5.20 14.98 0.61
N ILE C 128 5.24 15.54 -0.60
CA ILE C 128 4.05 15.88 -1.37
C ILE C 128 4.08 15.16 -2.73
N HIS C 129 2.96 14.52 -3.08
CA HIS C 129 2.83 13.84 -4.34
C HIS C 129 1.75 14.49 -5.14
N ILE C 130 2.14 15.05 -6.28
CA ILE C 130 1.22 15.74 -7.13
C ILE C 130 0.41 14.69 -7.86
N LYS C 131 -0.90 14.84 -7.81
CA LYS C 131 -1.83 13.86 -8.37
C LYS C 131 -2.24 14.29 -9.75
N ARG C 132 -2.47 15.58 -9.91
CA ARG C 132 -3.04 16.14 -11.11
C ARG C 132 -2.72 17.63 -11.12
N THR C 133 -2.48 18.20 -12.29
CA THR C 133 -2.58 19.65 -12.50
C THR C 133 -3.63 19.93 -13.57
N ILE C 134 -4.43 20.96 -13.36
CA ILE C 134 -5.45 21.36 -14.32
C ILE C 134 -5.12 22.75 -14.84
N ASN C 135 -5.14 22.94 -16.16
CA ASN C 135 -4.87 24.25 -16.81
C ASN C 135 -6.10 24.96 -17.45
N LEU C 138 -9.41 28.18 -14.57
CA LEU C 138 -8.51 28.31 -13.45
C LEU C 138 -7.43 27.21 -13.45
N VAL C 139 -6.21 27.59 -13.05
CA VAL C 139 -5.08 26.65 -12.94
C VAL C 139 -4.92 26.14 -11.51
N LEU C 140 -4.82 24.84 -11.36
CA LEU C 140 -4.93 24.17 -10.08
C LEU C 140 -4.07 22.93 -9.98
N ALA C 141 -3.66 22.58 -8.77
CA ALA C 141 -2.96 21.34 -8.49
C ALA C 141 -3.72 20.59 -7.38
N ILE C 142 -3.72 19.27 -7.49
CA ILE C 142 -4.28 18.38 -6.48
C ILE C 142 -3.14 17.44 -6.09
N ALA C 143 -3.00 17.17 -4.79
CA ALA C 143 -1.87 16.42 -4.29
C ALA C 143 -2.21 15.74 -2.99
N ASP C 144 -1.49 14.66 -2.69
CA ASP C 144 -1.52 14.06 -1.36
C ASP C 144 -0.22 14.45 -0.67
N GLY C 145 -0.25 14.56 0.66
CA GLY C 145 0.94 14.87 1.40
C GLY C 145 1.00 14.20 2.74
N THR C 146 2.21 14.04 3.25
CA THR C 146 2.40 13.54 4.58
C THR C 146 3.48 14.35 5.25
N VAL C 147 3.39 14.48 6.57
CA VAL C 147 4.34 15.17 7.39
C VAL C 147 4.96 14.12 8.30
N SER C 148 6.29 14.08 8.40
CA SER C 148 7.01 13.16 9.28
C SER C 148 7.97 13.93 10.22
N VAL C 149 8.22 13.39 11.41
CA VAL C 149 9.16 13.98 12.32
C VAL C 149 10.20 12.93 12.65
N ASP C 150 11.46 13.25 12.39
CA ASP C 150 12.59 12.34 12.68
C ASP C 150 12.34 10.90 12.21
N GLY C 151 11.91 10.78 10.97
CA GLY C 151 11.68 9.49 10.33
C GLY C 151 10.27 8.92 10.46
N ARG C 152 9.51 9.43 11.43
CA ARG C 152 8.22 8.86 11.77
C ARG C 152 7.07 9.68 11.20
N GLU C 153 6.15 8.99 10.55
CA GLU C 153 5.03 9.61 9.85
C GLU C 153 3.95 10.02 10.85
N ILE C 154 3.53 11.28 10.84
CA ILE C 154 2.57 11.76 11.85
C ILE C 154 1.28 12.39 11.31
N TYR C 155 1.34 13.12 10.22
CA TYR C 155 0.10 13.65 9.57
C TYR C 155 -0.01 13.16 8.14
N SER C 156 -1.24 13.18 7.63
CA SER C 156 -1.49 12.86 6.23
C SER C 156 -2.65 13.70 5.73
N ALA C 157 -2.64 14.01 4.44
CA ALA C 157 -3.67 14.83 3.84
C ALA C 157 -3.92 14.27 2.47
N GLU C 158 -5.17 13.94 2.14
CA GLU C 158 -5.55 13.51 0.79
C GLU C 158 -6.29 14.65 0.09
N GLY C 159 -6.01 14.83 -1.19
CA GLY C 159 -6.70 15.82 -2.00
C GLY C 159 -6.44 17.25 -1.61
N LEU C 160 -5.20 17.59 -1.27
CA LEU C 160 -4.84 18.99 -1.06
C LEU C 160 -5.06 19.71 -2.38
N ARG C 161 -5.73 20.85 -2.33
CA ARG C 161 -5.97 21.68 -3.53
C ARG C 161 -5.43 23.09 -3.33
N VAL C 162 -4.64 23.54 -4.31
CA VAL C 162 -4.16 24.91 -4.34
C VAL C 162 -4.40 25.40 -5.75
N GLY C 163 -4.82 26.63 -5.88
CA GLY C 163 -5.10 27.23 -7.16
C GLY C 163 -4.36 28.55 -7.32
N LEU C 164 -4.17 28.95 -8.58
CA LEU C 164 -3.51 30.20 -8.91
C LEU C 164 -4.50 31.16 -9.49
N PHE C 165 -4.35 32.43 -9.10
CA PHE C 165 -5.29 33.48 -9.44
C PHE C 165 -4.58 34.65 -10.09
N THR C 166 -4.84 34.85 -11.39
CA THR C 166 -4.27 35.96 -12.16
C THR C 166 -4.99 37.25 -11.76
N SER C 167 -4.59 38.37 -12.33
CA SER C 167 -5.20 39.64 -11.92
C SER C 167 -6.68 39.74 -12.32
N THR C 168 -7.14 38.85 -13.21
CA THR C 168 -8.54 38.78 -13.62
C THR C 168 -9.39 37.78 -12.82
N ASP C 169 -8.75 36.85 -12.11
CA ASP C 169 -9.45 35.78 -11.39
C ASP C 169 -9.96 36.22 -10.02
N MET D 1 -19.82 22.51 34.79
CA MET D 1 -19.66 23.89 34.24
C MET D 1 -20.56 24.18 33.03
N THR D 2 -21.40 23.19 32.68
CA THR D 2 -22.26 23.23 31.49
C THR D 2 -23.46 24.18 31.60
N LYS D 3 -23.53 24.97 32.68
CA LYS D 3 -24.59 25.97 32.84
C LYS D 3 -24.19 27.31 32.23
N GLN D 4 -22.91 27.70 32.35
CA GLN D 4 -22.42 28.91 31.67
C GLN D 4 -22.25 28.80 30.14
N HIS D 5 -22.84 29.76 29.45
CA HIS D 5 -23.10 29.63 28.03
C HIS D 5 -22.44 30.66 27.12
N ALA D 6 -21.62 31.55 27.68
CA ALA D 6 -20.88 32.51 26.87
C ALA D 6 -19.58 32.89 27.61
N PHE D 7 -18.55 33.24 26.85
CA PHE D 7 -17.21 33.54 27.41
C PHE D 7 -16.57 34.77 26.78
N THR D 8 -15.86 35.54 27.57
CA THR D 8 -15.23 36.75 27.09
C THR D 8 -13.79 36.44 26.75
N ARG D 9 -13.11 37.38 26.10
CA ARG D 9 -11.70 37.17 25.73
C ARG D 9 -10.87 36.80 26.93
N GLU D 10 -11.20 37.39 28.09
CA GLU D 10 -10.45 37.14 29.31
C GLU D 10 -10.73 35.78 29.90
N ASP D 11 -11.95 35.28 29.71
CA ASP D 11 -12.25 33.91 30.10
C ASP D 11 -11.36 33.00 29.26
N LEU D 12 -11.24 33.31 27.97
CA LEU D 12 -10.44 32.48 27.07
C LEU D 12 -8.95 32.55 27.36
N LEU D 13 -8.44 33.73 27.67
CA LEU D 13 -7.04 33.87 28.09
C LEU D 13 -6.79 33.11 29.39
N ARG D 14 -7.78 33.10 30.27
CA ARG D 14 -7.68 32.35 31.51
C ARG D 14 -7.56 30.86 31.17
N CYS D 15 -8.41 30.42 30.25
CA CYS D 15 -8.33 29.06 29.73
C CYS D 15 -6.97 28.76 29.14
N SER D 16 -6.39 29.74 28.45
CA SER D 16 -5.08 29.56 27.82
C SER D 16 -3.98 29.32 28.85
N ARG D 17 -4.17 29.90 30.05
CA ARG D 17 -3.23 29.73 31.16
C ARG D 17 -3.45 28.41 31.88
N GLY D 18 -4.56 27.74 31.56
CA GLY D 18 -4.91 26.48 32.19
C GLY D 18 -5.65 26.69 33.50
N GLU D 19 -6.29 27.85 33.63
CA GLU D 19 -6.94 28.23 34.89
C GLU D 19 -8.48 28.19 34.81
N LEU D 20 -9.02 27.88 33.64
CA LEU D 20 -10.46 27.69 33.50
C LEU D 20 -10.85 26.25 33.80
N PHE D 21 -10.21 25.30 33.14
CA PHE D 21 -10.56 23.90 33.29
C PHE D 21 -9.59 23.11 34.17
N GLY D 22 -8.55 23.78 34.68
CA GLY D 22 -7.60 23.16 35.61
C GLY D 22 -6.37 22.58 34.93
N PRO D 23 -5.36 22.18 35.72
CA PRO D 23 -4.10 21.67 35.17
C PRO D 23 -4.21 20.24 34.64
N GLY D 24 -3.69 20.01 33.44
CA GLY D 24 -3.80 18.71 32.77
C GLY D 24 -5.07 18.55 31.95
N ASN D 25 -5.91 19.58 31.93
CA ASN D 25 -7.15 19.56 31.16
C ASN D 25 -7.03 20.49 29.96
N ALA D 26 -8.13 20.63 29.21
CA ALA D 26 -8.11 21.38 27.97
C ALA D 26 -7.60 22.80 28.16
N GLN D 27 -6.74 23.26 27.24
CA GLN D 27 -6.36 24.65 27.14
C GLN D 27 -6.51 25.12 25.70
N LEU D 28 -7.06 26.33 25.52
CA LEU D 28 -6.88 27.07 24.29
C LEU D 28 -5.42 27.51 24.23
N PRO D 29 -4.90 27.71 23.01
CA PRO D 29 -3.57 28.27 22.93
C PRO D 29 -3.65 29.75 23.23
N ALA D 30 -2.50 30.35 23.58
CA ALA D 30 -2.44 31.80 23.79
C ALA D 30 -2.14 32.52 22.49
N PRO D 31 -2.25 33.85 22.50
CA PRO D 31 -1.66 34.59 21.39
C PRO D 31 -0.19 34.17 21.17
N ASN D 32 0.28 34.07 19.93
CA ASN D 32 -0.46 34.47 18.75
C ASN D 32 -1.23 33.34 18.06
N MET D 33 -1.34 32.17 18.70
CA MET D 33 -2.08 31.05 18.07
C MET D 33 -3.59 31.08 18.32
N LEU D 34 -4.02 31.73 19.38
CA LEU D 34 -5.43 31.83 19.71
C LEU D 34 -6.20 32.54 18.61
N MET D 35 -7.16 31.86 17.99
CA MET D 35 -7.94 32.49 16.93
C MET D 35 -9.38 32.86 17.31
N ILE D 36 -9.66 33.00 18.61
CA ILE D 36 -10.99 33.36 19.10
C ILE D 36 -10.89 34.51 20.08
N ASP D 37 -11.74 35.52 19.87
CA ASP D 37 -11.85 36.66 20.80
C ASP D 37 -12.94 36.40 21.84
N ARG D 38 -14.05 35.76 21.45
CA ARG D 38 -15.11 35.44 22.42
C ARG D 38 -15.97 34.31 21.93
N ILE D 39 -16.57 33.56 22.86
CA ILE D 39 -17.57 32.55 22.53
C ILE D 39 -18.95 33.12 22.85
N VAL D 40 -19.71 33.43 21.80
CA VAL D 40 -20.99 34.09 21.95
C VAL D 40 -22.08 33.14 22.46
N HIS D 41 -21.97 31.86 22.11
CA HIS D 41 -22.94 30.88 22.54
C HIS D 41 -22.38 29.50 22.52
N ILE D 42 -22.73 28.70 23.52
CA ILE D 42 -22.28 27.33 23.61
C ILE D 42 -23.28 26.55 24.44
N SER D 43 -23.81 25.46 23.90
CA SER D 43 -24.64 24.54 24.67
C SER D 43 -24.41 23.12 24.21
N ASP D 44 -24.89 22.16 24.99
CA ASP D 44 -24.75 20.75 24.62
C ASP D 44 -26.06 20.16 24.08
N VAL D 45 -27.05 21.02 23.84
CA VAL D 45 -28.30 20.63 23.16
C VAL D 45 -28.50 21.55 21.94
N GLY D 46 -29.43 21.18 21.05
CA GLY D 46 -29.61 21.92 19.80
C GLY D 46 -28.43 21.75 18.84
N GLY D 47 -28.23 22.72 17.95
CA GLY D 47 -27.30 22.57 16.83
C GLY D 47 -27.93 21.78 15.70
N LYS D 48 -27.21 21.68 14.59
CA LYS D 48 -27.63 20.88 13.42
C LYS D 48 -28.05 19.47 13.80
N TYR D 49 -27.35 18.85 14.74
CA TYR D 49 -27.50 17.42 15.00
C TYR D 49 -28.12 17.12 16.35
N GLY D 50 -28.47 18.17 17.09
CA GLY D 50 -29.07 18.00 18.40
C GLY D 50 -28.10 17.68 19.52
N LYS D 51 -26.79 17.74 19.25
CA LYS D 51 -25.78 17.36 20.24
C LYS D 51 -24.93 18.55 20.66
N GLY D 52 -25.41 19.76 20.43
CA GLY D 52 -24.70 20.96 20.85
C GLY D 52 -24.17 21.81 19.71
N GLU D 53 -23.71 23.01 20.07
CA GLU D 53 -23.37 24.06 19.12
C GLU D 53 -22.42 25.05 19.79
N LEU D 54 -21.51 25.64 19.02
CA LEU D 54 -20.79 26.83 19.46
C LEU D 54 -20.91 27.90 18.38
N VAL D 55 -21.06 29.15 18.83
CA VAL D 55 -20.88 30.32 17.97
C VAL D 55 -19.78 31.17 18.63
N ALA D 56 -18.75 31.55 17.85
CA ALA D 56 -17.60 32.32 18.38
C ALA D 56 -17.19 33.40 17.39
N GLU D 57 -16.48 34.41 17.86
CA GLU D 57 -16.07 35.53 17.01
C GLU D 57 -14.59 35.84 17.15
N LEU D 58 -14.01 36.39 16.08
CA LEU D 58 -12.67 36.98 16.11
C LEU D 58 -12.77 38.35 15.43
N ASP D 59 -12.38 39.40 16.17
CA ASP D 59 -12.31 40.74 15.59
C ASP D 59 -11.07 40.85 14.72
N ILE D 60 -11.21 41.51 13.57
CA ILE D 60 -10.11 41.71 12.64
C ILE D 60 -9.69 43.17 12.59
N ASN D 61 -8.39 43.40 12.41
CA ASN D 61 -7.88 44.72 12.07
C ASN D 61 -6.56 44.54 11.30
N PRO D 62 -6.14 45.57 10.54
CA PRO D 62 -4.99 45.39 9.65
C PRO D 62 -3.67 44.99 10.32
N ASP D 63 -3.56 45.26 11.62
CA ASP D 63 -2.30 45.09 12.34
C ASP D 63 -2.14 43.69 12.93
N LEU D 64 -3.12 42.81 12.68
CA LEU D 64 -2.97 41.41 13.06
C LEU D 64 -1.70 40.85 12.41
N TRP D 65 -0.93 40.13 13.21
CA TRP D 65 0.42 39.73 12.84
C TRP D 65 0.52 39.00 11.53
N PHE D 66 -0.43 38.09 11.29
CA PHE D 66 -0.35 37.22 10.12
C PHE D 66 -0.47 37.98 8.78
N PHE D 67 -1.09 39.16 8.80
CA PHE D 67 -1.31 39.91 7.56
C PHE D 67 0.00 40.41 6.97
N ALA D 68 0.96 40.73 7.83
CA ALA D 68 2.24 41.30 7.38
C ALA D 68 3.14 40.25 6.68
N CYS D 69 3.06 38.99 7.10
CA CYS D 69 3.92 37.94 6.52
C CYS D 69 3.22 37.05 5.48
N HIS D 70 1.94 37.33 5.23
CA HIS D 70 1.09 36.43 4.45
C HIS D 70 0.02 37.25 3.77
N PHE D 71 0.31 37.86 2.63
CA PHE D 71 1.64 37.92 2.03
C PHE D 71 2.09 39.37 1.91
N GLU D 72 3.40 39.54 1.68
CA GLU D 72 3.95 40.86 1.42
C GLU D 72 3.33 41.38 0.12
N GLY D 73 2.62 42.50 0.23
CA GLY D 73 1.94 43.12 -0.91
C GLY D 73 0.55 42.58 -1.19
N ASP D 74 0.07 41.67 -0.36
CA ASP D 74 -1.20 40.95 -0.61
C ASP D 74 -1.65 40.25 0.67
N PRO D 75 -2.02 41.05 1.68
CA PRO D 75 -2.36 40.45 2.97
C PRO D 75 -3.66 39.69 2.89
N VAL D 76 -3.72 38.57 3.60
CA VAL D 76 -4.92 37.76 3.68
C VAL D 76 -4.74 36.76 4.80
N MET D 77 -5.76 36.59 5.63
CA MET D 77 -5.70 35.64 6.73
C MET D 77 -5.50 34.23 6.21
N PRO D 78 -4.55 33.48 6.80
CA PRO D 78 -4.35 32.10 6.38
C PRO D 78 -5.53 31.18 6.69
N GLY D 79 -5.91 30.36 5.73
CA GLY D 79 -7.04 29.46 5.92
C GLY D 79 -6.80 28.50 7.08
N CYS D 80 -5.58 28.01 7.20
CA CYS D 80 -5.25 27.09 8.27
C CYS D 80 -5.59 27.68 9.63
N LEU D 81 -5.41 28.98 9.80
CA LEU D 81 -5.76 29.63 11.09
C LEU D 81 -7.28 29.61 11.35
N GLY D 82 -8.10 29.84 10.33
CA GLY D 82 -9.54 29.72 10.51
C GLY D 82 -9.92 28.26 10.77
N LEU D 83 -9.23 27.36 10.09
CA LEU D 83 -9.45 25.96 10.33
C LEU D 83 -9.14 25.67 11.78
N ASP D 84 -8.01 26.19 12.26
CA ASP D 84 -7.55 25.84 13.60
C ASP D 84 -8.48 26.37 14.67
N ALA D 85 -9.09 27.51 14.40
CA ALA D 85 -10.13 28.06 15.30
C ALA D 85 -11.25 27.06 15.53
N MET D 86 -11.62 26.33 14.49
CA MET D 86 -12.70 25.34 14.63
C MET D 86 -12.24 24.20 15.53
N TRP D 87 -11.00 23.75 15.37
CA TRP D 87 -10.49 22.74 16.30
C TRP D 87 -10.37 23.29 17.69
N GLN D 88 -9.90 24.53 17.81
CA GLN D 88 -9.79 25.17 19.13
C GLN D 88 -11.17 25.10 19.79
N LEU D 89 -12.23 25.42 19.04
CA LEU D 89 -13.56 25.47 19.62
C LEU D 89 -14.06 24.09 20.05
N VAL D 90 -13.77 23.07 19.27
CA VAL D 90 -14.24 21.72 19.61
C VAL D 90 -13.49 21.22 20.84
N GLY D 91 -12.19 21.49 20.90
CA GLY D 91 -11.42 21.19 22.10
C GLY D 91 -12.02 21.86 23.34
N PHE D 92 -12.35 23.15 23.22
CA PHE D 92 -12.92 23.92 24.31
C PHE D 92 -14.20 23.25 24.79
N TYR D 93 -15.01 22.80 23.84
CA TYR D 93 -16.26 22.15 24.18
C TYR D 93 -16.01 20.91 25.04
N LEU D 94 -15.05 20.08 24.66
CA LEU D 94 -14.78 18.86 25.40
C LEU D 94 -14.42 19.15 26.87
N GLY D 95 -13.57 20.14 27.07
CA GLY D 95 -13.12 20.52 28.43
C GLY D 95 -14.23 21.15 29.23
N TRP D 96 -15.05 21.92 28.53
CA TRP D 96 -16.25 22.51 29.10
C TRP D 96 -17.26 21.48 29.54
N GLN D 97 -17.30 20.32 28.89
CA GLN D 97 -18.18 19.23 29.35
C GLN D 97 -17.68 18.56 30.62
N GLY D 98 -16.45 18.87 31.04
CA GLY D 98 -15.89 18.36 32.29
C GLY D 98 -14.92 17.20 32.13
N ASN D 99 -14.64 16.83 30.87
CA ASN D 99 -13.72 15.73 30.60
C ASN D 99 -12.29 16.11 30.94
N PRO D 100 -11.50 15.15 31.42
CA PRO D 100 -10.09 15.40 31.73
C PRO D 100 -9.17 15.14 30.54
N GLY D 101 -8.03 15.81 30.52
CA GLY D 101 -6.98 15.55 29.54
C GLY D 101 -6.65 16.73 28.66
N ARG D 102 -5.49 16.66 28.02
CA ARG D 102 -5.02 17.68 27.10
C ARG D 102 -5.60 17.44 25.72
N GLY D 103 -5.90 18.53 25.01
CA GLY D 103 -6.53 18.48 23.68
C GLY D 103 -5.52 18.35 22.54
N ARG D 104 -5.88 17.53 21.55
CA ARG D 104 -5.14 17.41 20.32
C ARG D 104 -6.14 17.28 19.17
N ALA D 105 -5.99 18.09 18.12
CA ALA D 105 -6.75 17.96 16.90
C ALA D 105 -6.40 16.61 16.30
N LEU D 106 -7.41 15.82 15.87
CA LEU D 106 -7.14 14.51 15.27
C LEU D 106 -7.26 14.54 13.75
N GLY D 107 -8.00 15.51 13.24
CA GLY D 107 -8.04 15.79 11.80
C GLY D 107 -9.41 16.24 11.34
N SER D 108 -9.73 15.98 10.07
CA SER D 108 -11.09 16.17 9.58
C SER D 108 -11.31 15.48 8.26
N GLY D 109 -12.58 15.42 7.83
CA GLY D 109 -12.92 15.07 6.45
C GLY D 109 -12.80 16.31 5.59
N GLU D 110 -13.56 16.38 4.50
CA GLU D 110 -13.49 17.49 3.57
C GLU D 110 -13.36 18.86 4.22
N VAL D 111 -12.40 19.65 3.74
CA VAL D 111 -12.33 21.06 4.07
C VAL D 111 -12.35 21.90 2.81
N LYS D 112 -13.08 23.00 2.83
CA LYS D 112 -13.19 23.88 1.66
C LYS D 112 -12.94 25.34 2.00
N PHE D 113 -12.10 25.98 1.20
CA PHE D 113 -11.89 27.41 1.27
C PHE D 113 -12.43 28.00 -0.02
N PHE D 114 -13.39 28.91 0.08
CA PHE D 114 -13.98 29.53 -1.10
C PHE D 114 -14.26 31.02 -0.86
N GLY D 115 -13.42 31.63 -0.03
CA GLY D 115 -13.42 33.06 0.17
C GLY D 115 -12.22 33.41 1.05
N GLN D 116 -12.10 34.69 1.40
CA GLN D 116 -10.94 35.12 2.18
C GLN D 116 -11.28 36.24 3.15
N VAL D 117 -10.38 36.41 4.12
CA VAL D 117 -10.47 37.47 5.10
C VAL D 117 -9.37 38.51 4.79
N LEU D 118 -9.79 39.67 4.29
CA LEU D 118 -8.88 40.80 4.05
C LEU D 118 -8.70 41.65 5.33
N PRO D 119 -7.62 42.44 5.42
CA PRO D 119 -7.47 43.29 6.60
C PRO D 119 -8.52 44.42 6.75
N THR D 120 -9.31 44.64 5.70
CA THR D 120 -10.41 45.62 5.72
C THR D 120 -11.68 45.03 6.36
N ALA D 121 -11.68 43.73 6.63
CA ALA D 121 -12.80 43.08 7.31
C ALA D 121 -12.92 43.55 8.77
N LYS D 122 -14.08 43.30 9.36
CA LYS D 122 -14.37 43.72 10.73
C LYS D 122 -14.38 42.52 11.66
N LYS D 123 -15.04 41.43 11.25
CA LYS D 123 -15.29 40.33 12.17
C LYS D 123 -15.46 38.96 11.50
N VAL D 124 -14.71 37.99 11.99
CA VAL D 124 -14.86 36.59 11.58
C VAL D 124 -15.73 35.86 12.60
N THR D 125 -16.71 35.10 12.13
CA THR D 125 -17.60 34.32 13.00
C THR D 125 -17.53 32.84 12.68
N TYR D 126 -17.37 32.01 13.71
CA TYR D 126 -17.34 30.56 13.56
C TYR D 126 -18.65 29.94 14.07
N ASN D 127 -19.16 28.96 13.33
CA ASN D 127 -20.31 28.17 13.77
C ASN D 127 -19.91 26.71 13.72
N ILE D 128 -20.04 26.02 14.86
CA ILE D 128 -19.65 24.62 15.00
C ILE D 128 -20.83 23.80 15.46
N HIS D 129 -21.04 22.66 14.80
CA HIS D 129 -22.12 21.76 15.17
C HIS D 129 -21.56 20.46 15.55
N ILE D 130 -21.77 20.10 16.81
CA ILE D 130 -21.26 18.86 17.35
C ILE D 130 -22.12 17.74 16.81
N LYS D 131 -21.47 16.73 16.24
CA LYS D 131 -22.15 15.63 15.60
C LYS D 131 -22.30 14.47 16.56
N ARG D 132 -21.24 14.22 17.33
CA ARG D 132 -21.09 13.03 18.16
C ARG D 132 -20.01 13.32 19.20
N THR D 133 -20.17 12.76 20.40
CA THR D 133 -19.03 12.59 21.33
C THR D 133 -18.86 11.11 21.65
N ILE D 134 -17.61 10.65 21.76
CA ILE D 134 -17.31 9.26 22.07
C ILE D 134 -16.54 9.16 23.37
N ASN D 135 -16.94 8.22 24.24
CA ASN D 135 -16.22 7.89 25.49
C ASN D 135 -15.37 6.59 25.50
N LEU D 138 -10.45 6.23 24.38
CA LEU D 138 -10.13 7.65 24.24
C LEU D 138 -11.40 8.47 24.04
N VAL D 139 -11.44 9.66 24.67
CA VAL D 139 -12.59 10.57 24.61
C VAL D 139 -12.39 11.56 23.46
N LEU D 140 -13.41 11.73 22.63
CA LEU D 140 -13.31 12.61 21.46
C LEU D 140 -14.66 13.13 20.97
N ALA D 141 -14.59 14.18 20.16
CA ALA D 141 -15.74 14.89 19.63
C ALA D 141 -15.57 15.03 18.13
N ILE D 142 -16.70 14.93 17.42
CA ILE D 142 -16.74 15.07 15.97
C ILE D 142 -17.76 16.13 15.66
N ALA D 143 -17.44 17.00 14.70
CA ALA D 143 -18.25 18.17 14.44
C ALA D 143 -18.08 18.67 13.00
N ASP D 144 -19.10 19.37 12.50
CA ASP D 144 -18.95 20.19 11.29
C ASP D 144 -18.84 21.65 11.68
N GLY D 145 -18.14 22.45 10.87
CA GLY D 145 -17.97 23.85 11.16
C GLY D 145 -17.85 24.71 9.92
N THR D 146 -18.20 25.98 10.06
CA THR D 146 -18.06 26.95 8.98
C THR D 146 -17.52 28.21 9.57
N VAL D 147 -16.81 28.95 8.72
CA VAL D 147 -16.24 30.23 9.06
C VAL D 147 -16.85 31.26 8.15
N SER D 148 -17.31 32.38 8.71
CA SER D 148 -17.86 33.48 7.93
C SER D 148 -17.14 34.79 8.25
N VAL D 149 -17.06 35.70 7.27
CA VAL D 149 -16.48 37.04 7.51
C VAL D 149 -17.54 38.07 7.12
N ASP D 150 -17.89 38.92 8.09
CA ASP D 150 -18.90 39.98 7.88
C ASP D 150 -20.17 39.48 7.17
N GLY D 151 -20.73 38.39 7.69
CA GLY D 151 -22.01 37.84 7.20
C GLY D 151 -21.89 36.82 6.10
N ARG D 152 -20.72 36.78 5.45
CA ARG D 152 -20.50 35.93 4.28
C ARG D 152 -19.71 34.65 4.61
N GLU D 153 -20.25 33.51 4.17
CA GLU D 153 -19.68 32.20 4.47
C GLU D 153 -18.47 31.95 3.56
N ILE D 154 -17.33 31.62 4.13
CA ILE D 154 -16.09 31.47 3.32
C ILE D 154 -15.36 30.11 3.42
N TYR D 155 -15.31 29.51 4.61
CA TYR D 155 -14.79 28.16 4.76
C TYR D 155 -15.82 27.18 5.31
N SER D 156 -15.60 25.89 5.07
CA SER D 156 -16.40 24.82 5.66
C SER D 156 -15.53 23.62 5.93
N ALA D 157 -15.87 22.85 6.97
CA ALA D 157 -15.11 21.67 7.34
C ALA D 157 -16.09 20.63 7.81
N GLU D 158 -16.03 19.42 7.24
CA GLU D 158 -16.85 18.29 7.68
C GLU D 158 -15.99 17.32 8.47
N GLY D 159 -16.55 16.76 9.54
CA GLY D 159 -15.87 15.75 10.32
C GLY D 159 -14.63 16.23 11.05
N LEU D 160 -14.67 17.44 11.61
CA LEU D 160 -13.59 17.91 12.48
C LEU D 160 -13.53 16.97 13.68
N ARG D 161 -12.32 16.50 14.02
CA ARG D 161 -12.12 15.62 15.17
C ARG D 161 -11.12 16.19 16.12
N VAL D 162 -11.49 16.22 17.39
CA VAL D 162 -10.57 16.64 18.46
C VAL D 162 -10.71 15.61 19.60
N GLY D 163 -9.59 15.24 20.21
CA GLY D 163 -9.57 14.23 21.26
C GLY D 163 -8.80 14.69 22.47
N LEU D 164 -9.09 14.07 23.61
CA LEU D 164 -8.48 14.43 24.89
C LEU D 164 -7.58 13.31 25.35
N PHE D 165 -6.44 13.69 25.91
CA PHE D 165 -5.38 12.75 26.26
C PHE D 165 -4.95 12.93 27.72
N THR D 166 -5.24 11.92 28.55
CA THR D 166 -4.87 11.92 29.96
C THR D 166 -3.38 11.60 30.07
N SER D 167 -2.84 11.58 31.27
CA SER D 167 -1.41 11.37 31.41
C SER D 167 -0.97 9.95 30.98
N THR D 168 -1.93 9.03 30.88
CA THR D 168 -1.67 7.67 30.42
C THR D 168 -1.83 7.47 28.91
N ASP D 169 -2.52 8.40 28.24
CA ASP D 169 -2.85 8.27 26.81
C ASP D 169 -1.72 8.71 25.86
N SER D 170 -1.43 7.84 24.88
CA SER D 170 -0.30 7.93 23.95
C SER D 170 -0.70 8.39 22.55
N PHE D 171 -0.26 9.60 22.16
CA PHE D 171 -0.70 10.23 20.90
C PHE D 171 0.27 9.89 19.75
N LYS E 3 -12.09 -36.03 3.38
CA LYS E 3 -11.11 -36.68 4.34
C LYS E 3 -9.77 -37.02 3.68
N GLN E 4 -9.81 -37.50 2.45
CA GLN E 4 -8.61 -37.84 1.67
C GLN E 4 -8.19 -36.62 0.83
N HIS E 5 -6.88 -36.34 0.72
CA HIS E 5 -6.38 -35.13 0.04
C HIS E 5 -5.63 -35.37 -1.22
N ALA E 6 -5.52 -36.62 -1.61
CA ALA E 6 -4.90 -36.97 -2.88
C ALA E 6 -5.41 -38.33 -3.34
N PHE E 7 -5.51 -38.49 -4.66
CA PHE E 7 -6.20 -39.66 -5.26
C PHE E 7 -5.39 -40.25 -6.43
N THR E 8 -5.42 -41.56 -6.58
CA THR E 8 -4.70 -42.22 -7.65
C THR E 8 -5.66 -42.51 -8.78
N ARG E 9 -5.12 -42.93 -9.93
CA ARG E 9 -5.97 -43.21 -11.07
C ARG E 9 -7.08 -44.20 -10.73
N GLU E 10 -6.76 -45.15 -9.86
CA GLU E 10 -7.71 -46.19 -9.46
C GLU E 10 -8.76 -45.66 -8.50
N ASP E 11 -8.42 -44.67 -7.70
CA ASP E 11 -9.42 -43.98 -6.89
C ASP E 11 -10.39 -43.30 -7.85
N LEU E 12 -9.86 -42.68 -8.90
CA LEU E 12 -10.69 -41.99 -9.86
C LEU E 12 -11.57 -42.93 -10.67
N LEU E 13 -11.03 -44.07 -11.08
CA LEU E 13 -11.84 -45.07 -11.79
C LEU E 13 -12.95 -45.60 -10.88
N ARG E 14 -12.66 -45.66 -9.59
CA ARG E 14 -13.65 -46.09 -8.62
C ARG E 14 -14.75 -45.03 -8.59
N CYS E 15 -14.34 -43.76 -8.54
CA CYS E 15 -15.28 -42.65 -8.63
C CYS E 15 -16.12 -42.73 -9.89
N SER E 16 -15.49 -43.14 -10.99
CA SER E 16 -16.19 -43.24 -12.27
C SER E 16 -17.29 -44.31 -12.27
N ARG E 17 -17.09 -45.33 -11.44
CA ARG E 17 -18.10 -46.38 -11.27
C ARG E 17 -19.18 -45.94 -10.29
N GLY E 18 -18.97 -44.82 -9.60
CA GLY E 18 -19.93 -44.31 -8.61
C GLY E 18 -19.70 -44.90 -7.23
N GLU E 19 -18.49 -45.38 -6.98
CA GLU E 19 -18.20 -46.15 -5.78
C GLU E 19 -17.35 -45.35 -4.78
N LEU E 20 -16.94 -44.16 -5.16
CA LEU E 20 -16.22 -43.28 -4.24
C LEU E 20 -17.20 -42.40 -3.43
N PHE E 21 -18.11 -41.71 -4.11
CA PHE E 21 -19.07 -40.85 -3.43
C PHE E 21 -20.46 -41.41 -3.29
N GLY E 22 -20.67 -42.61 -3.79
CA GLY E 22 -21.95 -43.31 -3.66
C GLY E 22 -22.87 -43.11 -4.86
N PRO E 23 -23.93 -43.94 -4.94
CA PRO E 23 -24.87 -43.82 -6.05
C PRO E 23 -25.76 -42.57 -5.97
N GLY E 24 -25.88 -41.86 -7.10
CA GLY E 24 -26.69 -40.65 -7.15
C GLY E 24 -25.92 -39.40 -6.83
N ASN E 25 -24.63 -39.57 -6.51
CA ASN E 25 -23.74 -38.47 -6.19
C ASN E 25 -22.75 -38.28 -7.35
N ALA E 26 -21.80 -37.36 -7.19
CA ALA E 26 -20.89 -36.95 -8.25
C ALA E 26 -20.07 -38.10 -8.77
N GLN E 27 -19.95 -38.21 -10.10
CA GLN E 27 -19.07 -39.23 -10.70
C GLN E 27 -18.21 -38.52 -11.70
N LEU E 28 -16.93 -38.86 -11.74
CA LEU E 28 -16.12 -38.57 -12.89
C LEU E 28 -16.57 -39.48 -14.01
N PRO E 29 -16.42 -39.03 -15.25
CA PRO E 29 -16.71 -39.95 -16.35
C PRO E 29 -15.60 -40.96 -16.44
N ALA E 30 -15.87 -42.07 -17.12
CA ALA E 30 -14.87 -43.09 -17.38
C ALA E 30 -14.14 -42.81 -18.68
N PRO E 31 -13.06 -43.58 -18.95
CA PRO E 31 -12.47 -43.48 -20.28
C PRO E 31 -13.53 -43.76 -21.35
N ASN E 32 -13.50 -43.08 -22.48
CA ASN E 32 -12.45 -42.15 -22.86
C ASN E 32 -12.71 -40.69 -22.53
N MET E 33 -13.75 -40.39 -21.75
CA MET E 33 -14.05 -39.00 -21.40
C MET E 33 -13.24 -38.46 -20.21
N LEU E 34 -12.78 -39.35 -19.34
CA LEU E 34 -12.00 -38.98 -18.18
C LEU E 34 -10.72 -38.29 -18.56
N MET E 35 -10.54 -37.02 -18.17
CA MET E 35 -9.32 -36.32 -18.54
C MET E 35 -8.32 -36.15 -17.40
N ILE E 36 -8.44 -36.97 -16.36
CA ILE E 36 -7.54 -36.88 -15.19
C ILE E 36 -6.96 -38.23 -14.85
N ASP E 37 -5.66 -38.29 -14.65
CA ASP E 37 -4.95 -39.52 -14.21
C ASP E 37 -4.81 -39.56 -12.70
N ARG E 38 -4.60 -38.42 -12.05
CA ARG E 38 -4.53 -38.40 -10.58
C ARG E 38 -4.81 -37.00 -10.05
N ILE E 39 -5.35 -36.91 -8.83
CA ILE E 39 -5.52 -35.63 -8.17
C ILE E 39 -4.41 -35.48 -7.15
N VAL E 40 -3.47 -34.58 -7.41
CA VAL E 40 -2.30 -34.45 -6.52
C VAL E 40 -2.64 -33.80 -5.20
N HIS E 41 -3.61 -32.90 -5.22
CA HIS E 41 -3.94 -32.10 -4.03
C HIS E 41 -5.33 -31.60 -4.12
N ILE E 42 -6.03 -31.64 -3.00
CA ILE E 42 -7.37 -31.07 -2.91
C ILE E 42 -7.63 -30.72 -1.46
N SER E 43 -8.00 -29.48 -1.21
CA SER E 43 -8.45 -29.06 0.11
C SER E 43 -9.55 -28.03 -0.02
N ASP E 44 -10.22 -27.75 1.07
CA ASP E 44 -11.30 -26.75 1.07
C ASP E 44 -10.86 -25.43 1.69
N VAL E 45 -9.56 -25.32 1.96
CA VAL E 45 -8.99 -24.05 2.41
C VAL E 45 -7.85 -23.68 1.50
N GLY E 46 -7.38 -22.45 1.61
CA GLY E 46 -6.33 -21.97 0.72
C GLY E 46 -6.86 -21.77 -0.69
N GLY E 47 -5.97 -21.83 -1.67
CA GLY E 47 -6.28 -21.44 -3.04
C GLY E 47 -6.21 -19.93 -3.17
N LYS E 48 -6.35 -19.45 -4.41
CA LYS E 48 -6.39 -18.00 -4.71
C LYS E 48 -7.37 -17.26 -3.85
N TYR E 49 -8.51 -17.86 -3.54
CA TYR E 49 -9.62 -17.14 -2.90
C TYR E 49 -9.89 -17.57 -1.49
N GLY E 50 -9.10 -18.52 -1.00
CA GLY E 50 -9.27 -19.01 0.35
C GLY E 50 -10.37 -20.02 0.56
N LYS E 51 -10.98 -20.48 -0.52
CA LYS E 51 -12.12 -21.38 -0.44
C LYS E 51 -11.80 -22.74 -1.03
N GLY E 52 -10.52 -23.07 -1.14
CA GLY E 52 -10.12 -24.38 -1.62
C GLY E 52 -9.44 -24.38 -2.98
N GLU E 53 -8.88 -25.54 -3.34
CA GLU E 53 -7.99 -25.69 -4.47
C GLU E 53 -7.98 -27.16 -4.90
N LEU E 54 -7.84 -27.43 -6.19
CA LEU E 54 -7.41 -28.75 -6.66
C LEU E 54 -6.23 -28.61 -7.60
N VAL E 55 -5.30 -29.57 -7.50
CA VAL E 55 -4.26 -29.74 -8.50
C VAL E 55 -4.41 -31.16 -8.99
N ALA E 56 -4.44 -31.35 -10.31
CA ALA E 56 -4.59 -32.69 -10.92
C ALA E 56 -3.65 -32.83 -12.10
N GLU E 57 -3.38 -34.06 -12.52
CA GLU E 57 -2.47 -34.31 -13.64
C GLU E 57 -3.10 -35.29 -14.64
N LEU E 58 -2.68 -35.16 -15.88
CA LEU E 58 -2.96 -36.14 -16.93
C LEU E 58 -1.63 -36.41 -17.65
N ASP E 59 -1.22 -37.67 -17.68
CA ASP E 59 -0.04 -38.05 -18.43
C ASP E 59 -0.39 -38.09 -19.91
N ILE E 60 0.53 -37.59 -20.74
CA ILE E 60 0.37 -37.60 -22.20
C ILE E 60 1.32 -38.60 -22.85
N ASN E 61 0.83 -39.24 -23.91
CA ASN E 61 1.67 -40.03 -24.80
C ASN E 61 1.00 -40.07 -26.16
N PRO E 62 1.77 -40.36 -27.21
CA PRO E 62 1.24 -40.15 -28.57
C PRO E 62 -0.01 -40.97 -28.90
N ASP E 63 -0.22 -42.03 -28.13
CA ASP E 63 -1.24 -43.02 -28.46
C ASP E 63 -2.59 -42.71 -27.83
N LEU E 64 -2.66 -41.59 -27.12
CA LEU E 64 -3.93 -41.12 -26.65
C LEU E 64 -4.88 -40.95 -27.82
N TRP E 65 -6.10 -41.43 -27.63
CA TRP E 65 -7.06 -41.61 -28.72
C TRP E 65 -7.31 -40.38 -29.50
N PHE E 66 -7.43 -39.25 -28.81
CA PHE E 66 -7.84 -38.00 -29.48
C PHE E 66 -6.81 -37.48 -30.47
N PHE E 67 -5.53 -37.87 -30.33
CA PHE E 67 -4.47 -37.37 -31.21
C PHE E 67 -4.64 -37.86 -32.64
N ALA E 68 -5.15 -39.07 -32.80
CA ALA E 68 -5.29 -39.68 -34.11
C ALA E 68 -6.40 -39.05 -34.95
N CYS E 69 -7.49 -38.62 -34.31
CA CYS E 69 -8.63 -38.05 -35.05
C CYS E 69 -8.68 -36.51 -35.03
N HIS E 70 -7.70 -35.89 -34.38
CA HIS E 70 -7.72 -34.46 -34.12
C HIS E 70 -6.29 -33.96 -34.06
N PHE E 71 -5.65 -33.70 -35.21
CA PHE E 71 -6.18 -33.96 -36.56
C PHE E 71 -5.23 -34.88 -37.32
N GLU E 72 -5.73 -35.43 -38.40
CA GLU E 72 -4.90 -36.24 -39.28
C GLU E 72 -3.82 -35.35 -39.87
N GLY E 73 -2.56 -35.66 -39.58
CA GLY E 73 -1.40 -34.89 -40.02
C GLY E 73 -1.00 -33.73 -39.11
N ASP E 74 -1.70 -33.59 -37.99
CA ASP E 74 -1.54 -32.43 -37.11
C ASP E 74 -2.21 -32.73 -35.78
N PRO E 75 -1.66 -33.69 -35.05
CA PRO E 75 -2.28 -34.06 -33.79
C PRO E 75 -2.14 -32.94 -32.78
N VAL E 76 -3.17 -32.76 -31.98
CA VAL E 76 -3.13 -31.81 -30.90
C VAL E 76 -4.32 -32.06 -30.00
N MET E 77 -4.11 -32.01 -28.70
CA MET E 77 -5.20 -32.27 -27.75
C MET E 77 -6.27 -31.22 -27.89
N PRO E 78 -7.53 -31.65 -27.96
CA PRO E 78 -8.58 -30.67 -28.11
C PRO E 78 -8.74 -29.79 -26.88
N GLY E 79 -8.92 -28.49 -27.08
CA GLY E 79 -9.06 -27.55 -25.97
C GLY E 79 -10.26 -27.89 -25.12
N CYS E 80 -11.36 -28.29 -25.76
CA CYS E 80 -12.58 -28.65 -25.05
C CYS E 80 -12.32 -29.75 -24.03
N LEU E 81 -11.43 -30.69 -24.34
CA LEU E 81 -11.08 -31.74 -23.36
C LEU E 81 -10.33 -31.21 -22.14
N GLY E 82 -9.43 -30.25 -22.32
CA GLY E 82 -8.76 -29.61 -21.17
C GLY E 82 -9.75 -28.75 -20.41
N LEU E 83 -10.64 -28.10 -21.15
CA LEU E 83 -11.68 -27.37 -20.50
C LEU E 83 -12.49 -28.32 -19.65
N ASP E 84 -12.84 -29.49 -20.22
CA ASP E 84 -13.78 -30.37 -19.54
C ASP E 84 -13.17 -30.96 -18.29
N ALA E 85 -11.87 -31.17 -18.32
CA ALA E 85 -11.16 -31.61 -17.15
C ALA E 85 -11.40 -30.64 -16.00
N MET E 86 -11.46 -29.34 -16.29
CA MET E 86 -11.65 -28.35 -15.22
C MET E 86 -13.06 -28.46 -14.64
N TRP E 87 -14.05 -28.67 -15.49
CA TRP E 87 -15.37 -28.96 -14.97
C TRP E 87 -15.41 -30.27 -14.21
N GLN E 88 -14.70 -31.30 -14.72
CA GLN E 88 -14.67 -32.59 -14.04
C GLN E 88 -14.17 -32.33 -12.63
N LEU E 89 -13.12 -31.54 -12.50
CA LEU E 89 -12.54 -31.35 -11.21
C LEU E 89 -13.42 -30.58 -10.25
N VAL E 90 -14.14 -29.57 -10.75
CA VAL E 90 -15.03 -28.79 -9.87
C VAL E 90 -16.15 -29.68 -9.40
N GLY E 91 -16.68 -30.49 -10.31
CA GLY E 91 -17.71 -31.50 -9.94
C GLY E 91 -17.24 -32.43 -8.84
N PHE E 92 -16.03 -32.93 -8.99
CA PHE E 92 -15.40 -33.82 -8.02
C PHE E 92 -15.37 -33.13 -6.68
N TYR E 93 -15.01 -31.85 -6.68
CA TYR E 93 -14.88 -31.10 -5.45
C TYR E 93 -16.21 -31.05 -4.72
N LEU E 94 -17.29 -30.77 -5.43
CA LEU E 94 -18.61 -30.70 -4.81
C LEU E 94 -19.00 -32.01 -4.13
N GLY E 95 -18.77 -33.13 -4.83
CA GLY E 95 -19.07 -34.45 -4.28
C GLY E 95 -18.18 -34.78 -3.08
N TRP E 96 -16.91 -34.38 -3.20
CA TRP E 96 -15.93 -34.56 -2.15
C TRP E 96 -16.28 -33.80 -0.90
N GLN E 97 -16.99 -32.69 -1.03
CA GLN E 97 -17.49 -31.96 0.15
C GLN E 97 -18.65 -32.66 0.84
N GLY E 98 -19.20 -33.69 0.23
CA GLY E 98 -20.29 -34.46 0.82
C GLY E 98 -21.69 -34.09 0.33
N ASN E 99 -21.78 -33.19 -0.62
CA ASN E 99 -23.07 -32.80 -1.16
C ASN E 99 -23.63 -33.93 -2.01
N PRO E 100 -24.94 -34.06 -2.03
CA PRO E 100 -25.58 -35.09 -2.85
C PRO E 100 -25.92 -34.57 -4.25
N GLY E 101 -26.00 -35.47 -5.22
CA GLY E 101 -26.52 -35.17 -6.54
C GLY E 101 -25.54 -35.42 -7.64
N ARG E 102 -26.08 -35.50 -8.85
CA ARG E 102 -25.26 -35.71 -10.03
C ARG E 102 -24.76 -34.36 -10.54
N GLY E 103 -23.55 -34.36 -11.08
CA GLY E 103 -22.89 -33.13 -11.58
C GLY E 103 -23.28 -32.78 -13.02
N ARG E 104 -23.47 -31.50 -13.28
CA ARG E 104 -23.61 -30.98 -14.60
C ARG E 104 -22.81 -29.68 -14.64
N ALA E 105 -21.98 -29.51 -15.65
CA ALA E 105 -21.35 -28.22 -15.90
C ALA E 105 -22.44 -27.20 -16.31
N LEU E 106 -22.42 -26.02 -15.70
CA LEU E 106 -23.38 -24.95 -16.00
C LEU E 106 -22.82 -23.88 -16.94
N GLY E 107 -21.48 -23.77 -17.03
CA GLY E 107 -20.81 -23.01 -18.07
C GLY E 107 -19.57 -22.33 -17.55
N SER E 108 -19.21 -21.19 -18.14
CA SER E 108 -18.17 -20.35 -17.54
C SER E 108 -18.20 -18.97 -18.10
N GLY E 109 -17.42 -18.06 -17.48
CA GLY E 109 -17.11 -16.76 -18.08
C GLY E 109 -15.94 -16.96 -19.03
N GLU E 110 -15.16 -15.94 -19.24
CA GLU E 110 -14.06 -15.99 -20.22
C GLU E 110 -13.28 -17.30 -20.22
N VAL E 111 -13.09 -17.89 -21.39
CA VAL E 111 -12.14 -19.00 -21.57
C VAL E 111 -11.11 -18.60 -22.60
N LYS E 112 -9.86 -18.91 -22.33
CA LYS E 112 -8.79 -18.57 -23.29
C LYS E 112 -7.88 -19.77 -23.56
N PHE E 113 -7.63 -20.01 -24.85
CA PHE E 113 -6.64 -20.96 -25.29
C PHE E 113 -5.53 -20.17 -25.96
N PHE E 114 -4.33 -20.31 -25.46
CA PHE E 114 -3.17 -19.61 -26.00
C PHE E 114 -1.91 -20.52 -25.97
N GLY E 115 -2.14 -21.81 -26.13
CA GLY E 115 -1.07 -22.76 -26.36
C GLY E 115 -1.70 -24.09 -26.68
N GLN E 116 -0.88 -25.13 -26.84
CA GLN E 116 -1.41 -26.44 -27.20
C GLN E 116 -0.63 -27.58 -26.58
N VAL E 117 -1.26 -28.74 -26.57
CA VAL E 117 -0.65 -29.95 -26.10
C VAL E 117 -0.36 -30.86 -27.29
N LEU E 118 0.92 -31.00 -27.60
CA LEU E 118 1.37 -31.92 -28.65
C LEU E 118 1.62 -33.35 -28.10
N PRO E 119 1.68 -34.36 -28.98
CA PRO E 119 1.86 -35.73 -28.47
C PRO E 119 3.27 -35.96 -27.90
N THR E 120 4.15 -34.99 -28.10
CA THR E 120 5.50 -35.05 -27.55
C THR E 120 5.56 -34.57 -26.11
N ALA E 121 4.47 -34.04 -25.60
CA ALA E 121 4.42 -33.58 -24.22
C ALA E 121 4.46 -34.78 -23.28
N LYS E 122 4.77 -34.49 -22.01
CA LYS E 122 4.85 -35.50 -21.00
C LYS E 122 3.63 -35.43 -20.08
N LYS E 123 3.26 -34.23 -19.63
CA LYS E 123 2.25 -34.12 -18.58
C LYS E 123 1.47 -32.82 -18.60
N VAL E 124 0.14 -32.95 -18.56
CA VAL E 124 -0.75 -31.82 -18.43
C VAL E 124 -1.12 -31.69 -16.96
N THR E 125 -1.06 -30.48 -16.43
CA THR E 125 -1.46 -30.24 -15.05
C THR E 125 -2.58 -29.22 -14.98
N TYR E 126 -3.60 -29.50 -14.19
CA TYR E 126 -4.71 -28.54 -13.96
C TYR E 126 -4.62 -27.94 -12.59
N ASN E 127 -4.89 -26.66 -12.49
CA ASN E 127 -4.96 -25.96 -11.21
C ASN E 127 -6.32 -25.29 -11.18
N ILE E 128 -7.09 -25.54 -10.13
CA ILE E 128 -8.41 -24.98 -9.95
C ILE E 128 -8.51 -24.25 -8.62
N HIS E 129 -9.08 -23.06 -8.66
CA HIS E 129 -9.31 -22.29 -7.46
C HIS E 129 -10.76 -22.03 -7.28
N ILE E 130 -11.30 -22.53 -6.18
CA ILE E 130 -12.68 -22.40 -5.88
C ILE E 130 -12.91 -20.99 -5.39
N LYS E 131 -13.89 -20.32 -5.97
CA LYS E 131 -14.16 -18.92 -5.71
C LYS E 131 -15.28 -18.80 -4.72
N ARG E 132 -16.31 -19.64 -4.88
CA ARG E 132 -17.54 -19.56 -4.10
C ARG E 132 -18.24 -20.94 -4.20
N THR E 133 -18.93 -21.35 -3.15
CA THR E 133 -19.95 -22.39 -3.23
C THR E 133 -21.29 -21.80 -2.79
N ILE E 134 -22.36 -22.19 -3.47
CA ILE E 134 -23.69 -21.71 -3.15
C ILE E 134 -24.52 -22.90 -2.73
N ASN E 135 -25.15 -22.78 -1.58
CA ASN E 135 -25.91 -23.89 -0.99
C ASN E 135 -27.33 -23.43 -0.82
N ARG E 136 -27.93 -22.94 -1.91
CA ARG E 136 -29.33 -22.52 -1.90
C ARG E 136 -30.19 -23.70 -2.38
N SER E 137 -31.31 -23.41 -3.06
CA SER E 137 -32.21 -24.50 -3.50
C SER E 137 -31.51 -25.43 -4.50
N LEU E 138 -30.62 -24.88 -5.33
CA LEU E 138 -29.66 -25.70 -6.04
C LEU E 138 -28.25 -25.44 -5.51
N VAL E 139 -27.45 -26.49 -5.38
CA VAL E 139 -26.06 -26.38 -4.91
C VAL E 139 -25.10 -26.29 -6.07
N LEU E 140 -24.13 -25.37 -5.97
CA LEU E 140 -23.18 -25.15 -7.07
C LEU E 140 -21.89 -24.48 -6.61
N ALA E 141 -20.90 -24.57 -7.49
CA ALA E 141 -19.58 -24.09 -7.22
C ALA E 141 -19.11 -23.27 -8.39
N ILE E 142 -18.33 -22.24 -8.08
CA ILE E 142 -17.75 -21.35 -9.06
C ILE E 142 -16.26 -21.34 -8.82
N ALA E 143 -15.48 -21.40 -9.88
CA ALA E 143 -14.04 -21.52 -9.75
C ALA E 143 -13.33 -20.93 -10.96
N ASP E 144 -12.07 -20.53 -10.79
CA ASP E 144 -11.17 -20.24 -11.93
C ASP E 144 -10.24 -21.43 -12.10
N GLY E 145 -9.78 -21.68 -13.32
CA GLY E 145 -8.86 -22.77 -13.56
C GLY E 145 -7.89 -22.50 -14.70
N THR E 146 -6.72 -23.11 -14.64
CA THR E 146 -5.76 -23.04 -15.71
C THR E 146 -5.30 -24.44 -16.00
N VAL E 147 -4.89 -24.64 -17.25
CA VAL E 147 -4.31 -25.86 -17.73
C VAL E 147 -2.89 -25.53 -18.18
N SER E 148 -1.91 -26.31 -17.72
CA SER E 148 -0.50 -26.14 -18.12
C SER E 148 0.03 -27.45 -18.70
N VAL E 149 0.98 -27.36 -19.62
CA VAL E 149 1.64 -28.54 -20.15
C VAL E 149 3.15 -28.39 -19.90
N ASP E 150 3.74 -29.34 -19.18
CA ASP E 150 5.21 -29.34 -18.87
C ASP E 150 5.74 -27.98 -18.36
N GLY E 151 5.01 -27.45 -17.38
CA GLY E 151 5.38 -26.20 -16.73
C GLY E 151 4.78 -24.95 -17.35
N ARG E 152 4.31 -25.04 -18.59
CA ARG E 152 3.90 -23.88 -19.35
C ARG E 152 2.38 -23.73 -19.39
N GLU E 153 1.91 -22.53 -19.06
CA GLU E 153 0.48 -22.23 -18.92
C GLU E 153 -0.13 -22.04 -20.30
N ILE E 154 -1.15 -22.81 -20.62
CA ILE E 154 -1.72 -22.73 -21.97
C ILE E 154 -3.22 -22.33 -22.07
N TYR E 155 -4.05 -22.81 -21.15
CA TYR E 155 -5.45 -22.39 -21.10
C TYR E 155 -5.81 -21.73 -19.78
N SER E 156 -6.87 -20.94 -19.79
CA SER E 156 -7.43 -20.34 -18.57
C SER E 156 -8.91 -20.24 -18.70
N ALA E 157 -9.60 -20.37 -17.57
CA ALA E 157 -11.05 -20.26 -17.54
C ALA E 157 -11.41 -19.47 -16.32
N GLU E 158 -12.21 -18.42 -16.45
CA GLU E 158 -12.75 -17.69 -15.32
C GLU E 158 -14.23 -18.05 -15.16
N GLY E 159 -14.68 -18.18 -13.91
CA GLY E 159 -16.08 -18.42 -13.61
C GLY E 159 -16.59 -19.75 -14.10
N LEU E 160 -15.81 -20.80 -13.99
CA LEU E 160 -16.32 -22.13 -14.25
C LEU E 160 -17.42 -22.39 -13.26
N ARG E 161 -18.54 -22.91 -13.72
CA ARG E 161 -19.67 -23.28 -12.88
C ARG E 161 -20.07 -24.72 -13.08
N VAL E 162 -20.23 -25.42 -11.96
CA VAL E 162 -20.76 -26.74 -11.93
C VAL E 162 -21.80 -26.82 -10.84
N GLY E 163 -22.89 -27.52 -11.09
CA GLY E 163 -24.01 -27.64 -10.17
C GLY E 163 -24.44 -29.09 -9.99
N LEU E 164 -25.09 -29.36 -8.86
CA LEU E 164 -25.47 -30.69 -8.48
C LEU E 164 -26.96 -30.83 -8.48
N PHE E 165 -27.41 -31.97 -9.00
CA PHE E 165 -28.82 -32.22 -9.31
C PHE E 165 -29.30 -33.48 -8.63
N THR E 166 -30.23 -33.33 -7.69
CA THR E 166 -30.68 -34.45 -6.88
C THR E 166 -31.57 -35.36 -7.76
N SER E 167 -32.04 -36.48 -7.19
CA SER E 167 -32.75 -37.44 -7.99
C SER E 167 -34.08 -36.88 -8.48
N THR E 168 -34.53 -35.78 -7.87
CA THR E 168 -35.77 -35.14 -8.28
C THR E 168 -35.58 -34.01 -9.29
N ASP E 169 -34.35 -33.49 -9.39
CA ASP E 169 -34.10 -32.32 -10.21
C ASP E 169 -33.95 -32.73 -11.69
N SER E 170 -34.90 -32.27 -12.50
CA SER E 170 -34.75 -32.34 -13.95
C SER E 170 -33.80 -31.26 -14.42
N PHE E 171 -33.26 -31.51 -15.60
CA PHE E 171 -32.47 -30.54 -16.31
C PHE E 171 -32.84 -30.64 -17.82
#